data_5MMH
#
_entry.id   5MMH
#
_cell.length_a   106.725
_cell.length_b   71.000
_cell.length_c   124.010
_cell.angle_alpha   90.00
_cell.angle_beta   112.62
_cell.angle_gamma   90.00
#
_symmetry.space_group_name_H-M   'I 1 2 1'
#
loop_
_entity.id
_entity.type
_entity.pdbx_description
1 polymer 'HTH-type transcriptional activator AmpR'
2 water water
#
_entity_poly.entity_id   1
_entity_poly.type   'polypeptide(L)'
_entity_poly.pdbx_seq_one_letter_code
;MLERFEGGHYRDVLTVGAVGTFTVGWLLPRLEDFQARHPFIDLRLSTHNNRVDIAAEGLDYAIRFGGGAWHGTEALALFE
APLTVLCCPEVAAQLHSPADLLQHTLLRSYRADEWPLWFQAAGLPAHAPLTRSIVFDTSLAMLEAARQGVGVALAPAAMF
ARQLASESIRRPFATEVSTGSYWLTRLQSRGETSAMLAFRGWLLEMAAVEARGRLEHHHHHH
;
_entity_poly.pdbx_strand_id   A,B,C,D
#
# COMPACT_ATOMS: atom_id res chain seq x y z
N ARG A 11 20.20 24.21 -12.92
CA ARG A 11 19.03 24.88 -13.51
C ARG A 11 18.49 24.13 -14.75
N ASP A 12 17.69 23.08 -14.53
CA ASP A 12 17.47 22.51 -13.21
C ASP A 12 18.21 21.18 -13.13
N VAL A 13 18.67 20.80 -11.95
CA VAL A 13 19.46 19.59 -11.82
C VAL A 13 18.57 18.44 -11.41
N LEU A 14 18.80 17.28 -12.02
CA LEU A 14 18.07 16.06 -11.68
C LEU A 14 19.05 14.90 -11.61
N THR A 15 19.07 14.20 -10.48
CA THR A 15 19.98 13.08 -10.28
C THR A 15 19.19 11.79 -10.11
N VAL A 16 19.38 10.86 -11.04
CA VAL A 16 18.70 9.57 -11.01
C VAL A 16 19.75 8.46 -10.97
N GLY A 17 19.54 7.49 -10.09
CA GLY A 17 20.30 6.25 -10.05
C GLY A 17 19.41 5.08 -10.42
N ALA A 18 19.95 4.16 -11.22
CA ALA A 18 19.22 3.02 -11.74
C ALA A 18 20.11 1.78 -11.63
N VAL A 19 19.51 0.61 -11.40
CA VAL A 19 20.30 -0.62 -11.44
C VAL A 19 20.95 -0.76 -12.80
N GLY A 20 22.18 -1.28 -12.83
CA GLY A 20 22.95 -1.30 -14.06
C GLY A 20 22.27 -2.05 -15.18
N THR A 21 21.70 -3.21 -14.86
CA THR A 21 21.00 -4.02 -15.85
C THR A 21 19.87 -3.24 -16.51
N PHE A 22 19.11 -2.48 -15.73
CA PHE A 22 18.04 -1.64 -16.27
C PHE A 22 18.59 -0.48 -17.09
N THR A 23 19.73 0.09 -16.68
CA THR A 23 20.25 1.25 -17.39
C THR A 23 20.70 0.89 -18.80
N VAL A 24 21.49 -0.18 -18.94
CA VAL A 24 22.05 -0.47 -20.26
C VAL A 24 21.09 -1.31 -21.09
N GLY A 25 20.28 -2.16 -20.46
CA GLY A 25 19.31 -2.92 -21.24
C GLY A 25 18.07 -2.15 -21.68
N TRP A 26 17.73 -1.03 -21.02
CA TRP A 26 16.41 -0.39 -21.24
C TRP A 26 16.42 1.13 -21.21
N LEU A 27 16.99 1.74 -20.17
CA LEU A 27 16.87 3.18 -20.04
C LEU A 27 17.66 3.91 -21.11
N LEU A 28 18.91 3.50 -21.34
CA LEU A 28 19.82 4.26 -22.20
C LEU A 28 19.35 4.25 -23.65
N PRO A 29 18.81 3.14 -24.18
CA PRO A 29 18.19 3.19 -25.52
C PRO A 29 17.07 4.22 -25.66
N ARG A 30 16.43 4.62 -24.56
CA ARG A 30 15.31 5.55 -24.64
C ARG A 30 15.66 6.95 -24.16
N LEU A 31 16.85 7.15 -23.56
CA LEU A 31 17.11 8.41 -22.88
C LEU A 31 17.27 9.56 -23.85
N GLU A 32 17.70 9.27 -25.08
CA GLU A 32 17.75 10.30 -26.10
C GLU A 32 16.39 10.95 -26.31
N ASP A 33 15.31 10.16 -26.23
CA ASP A 33 13.95 10.72 -26.32
C ASP A 33 13.68 11.71 -25.19
N PHE A 34 14.10 11.36 -23.97
CA PHE A 34 13.88 12.26 -22.83
C PHE A 34 14.63 13.58 -23.01
N GLN A 35 15.88 13.52 -23.45
CA GLN A 35 16.67 14.75 -23.56
C GLN A 35 16.15 15.67 -24.66
N ALA A 36 15.60 15.10 -25.74
CA ALA A 36 14.95 15.92 -26.76
C ALA A 36 13.73 16.65 -26.19
N ARG A 37 12.87 15.91 -25.49
CA ARG A 37 11.62 16.45 -24.98
C ARG A 37 11.81 17.33 -23.75
N HIS A 38 12.96 17.26 -23.09
CA HIS A 38 13.25 18.13 -21.93
C HIS A 38 14.68 18.63 -22.04
N PRO A 39 14.94 19.59 -22.94
CA PRO A 39 16.32 20.04 -23.20
C PRO A 39 16.94 20.76 -22.02
N PHE A 40 16.13 21.30 -21.15
CA PHE A 40 16.50 22.18 -20.04
C PHE A 40 16.85 21.43 -18.76
N ILE A 41 16.49 20.15 -18.64
CA ILE A 41 16.82 19.36 -17.47
C ILE A 41 18.22 18.81 -17.66
N ASP A 42 19.05 19.05 -16.66
CA ASP A 42 20.42 18.53 -16.70
C ASP A 42 20.41 17.27 -15.83
N LEU A 43 20.41 16.12 -16.51
CA LEU A 43 20.27 14.82 -15.86
C LEU A 43 21.64 14.27 -15.45
N ARG A 44 21.76 13.84 -14.21
CA ARG A 44 22.94 13.13 -13.73
C ARG A 44 22.53 11.68 -13.46
N LEU A 45 22.86 10.81 -14.41
CA LEU A 45 22.56 9.40 -14.30
C LEU A 45 23.75 8.67 -13.70
N SER A 46 23.50 7.81 -12.73
CA SER A 46 24.50 6.87 -12.23
C SER A 46 23.88 5.48 -12.11
N THR A 47 24.71 4.44 -12.16
CA THR A 47 24.19 3.09 -12.00
C THR A 47 24.60 2.55 -10.63
N HIS A 48 23.84 1.55 -10.18
N HIS A 48 23.85 1.54 -10.19
CA HIS A 48 24.12 0.90 -8.91
CA HIS A 48 24.10 0.92 -8.90
C HIS A 48 23.77 -0.57 -9.05
C HIS A 48 23.66 -0.54 -9.02
N ASN A 49 23.86 -1.32 -7.95
CA ASN A 49 23.68 -2.76 -8.01
C ASN A 49 22.52 -3.27 -7.17
N ASN A 50 21.47 -2.47 -7.02
CA ASN A 50 20.23 -2.83 -6.33
C ASN A 50 20.31 -2.84 -4.81
N ARG A 51 21.42 -2.41 -4.21
CA ARG A 51 21.46 -2.06 -2.80
C ARG A 51 21.57 -0.55 -2.61
N VAL A 52 21.08 0.21 -3.60
CA VAL A 52 21.30 1.65 -3.65
C VAL A 52 20.81 2.33 -2.38
N ASP A 53 21.56 3.32 -1.93
CA ASP A 53 21.26 4.12 -0.75
C ASP A 53 21.01 5.54 -1.25
N ILE A 54 19.73 5.94 -1.35
CA ILE A 54 19.40 7.20 -2.02
C ILE A 54 20.15 8.36 -1.39
N ALA A 55 20.07 8.46 -0.05
CA ALA A 55 20.64 9.62 0.64
C ALA A 55 22.16 9.68 0.49
N ALA A 56 22.85 8.54 0.64
CA ALA A 56 24.32 8.52 0.56
C ALA A 56 24.83 8.92 -0.82
N GLU A 57 24.10 8.58 -1.87
CA GLU A 57 24.53 8.91 -3.22
C GLU A 57 23.97 10.23 -3.72
N GLY A 58 23.13 10.90 -2.95
CA GLY A 58 22.55 12.15 -3.41
C GLY A 58 21.55 12.04 -4.54
N LEU A 59 20.76 10.97 -4.58
CA LEU A 59 19.81 10.77 -5.67
C LEU A 59 18.49 11.48 -5.39
N ASP A 60 17.86 12.02 -6.44
CA ASP A 60 16.46 12.39 -6.32
C ASP A 60 15.58 11.14 -6.45
N TYR A 61 15.81 10.31 -7.48
CA TYR A 61 15.13 9.02 -7.65
C TYR A 61 16.12 7.86 -7.77
N ALA A 62 15.68 6.68 -7.37
CA ALA A 62 16.39 5.43 -7.64
C ALA A 62 15.44 4.43 -8.27
N ILE A 63 15.84 3.83 -9.38
CA ILE A 63 15.09 2.77 -10.04
C ILE A 63 15.70 1.44 -9.64
N ARG A 64 14.90 0.53 -9.08
CA ARG A 64 15.48 -0.72 -8.61
C ARG A 64 14.47 -1.83 -8.82
N PHE A 65 14.90 -3.05 -8.51
CA PHE A 65 14.14 -4.26 -8.78
C PHE A 65 13.73 -4.92 -7.46
N GLY A 66 12.47 -5.34 -7.38
CA GLY A 66 11.99 -6.13 -6.24
C GLY A 66 10.48 -5.91 -6.05
N GLY A 67 10.08 -5.88 -4.76
CA GLY A 67 8.69 -5.92 -4.40
C GLY A 67 8.06 -4.57 -4.14
N GLY A 68 8.82 -3.50 -4.20
CA GLY A 68 8.24 -2.18 -4.02
C GLY A 68 7.88 -1.80 -2.60
N ALA A 69 8.43 -2.47 -1.59
CA ALA A 69 8.16 -2.14 -0.19
C ALA A 69 9.48 -1.92 0.53
N TRP A 70 10.14 -0.82 0.20
CA TRP A 70 11.38 -0.40 0.85
C TRP A 70 11.08 0.65 1.91
N HIS A 71 11.61 0.45 3.12
CA HIS A 71 11.32 1.33 4.24
C HIS A 71 11.71 2.76 3.94
N GLY A 72 10.84 3.69 4.32
CA GLY A 72 11.13 5.10 4.12
C GLY A 72 11.00 5.56 2.70
N THR A 73 10.50 4.70 1.82
CA THR A 73 10.48 4.93 0.39
C THR A 73 9.05 4.99 -0.12
N GLU A 74 8.80 5.87 -1.09
CA GLU A 74 7.63 5.81 -1.97
C GLU A 74 8.06 5.21 -3.31
N ALA A 75 7.44 4.10 -3.71
CA ALA A 75 7.81 3.40 -4.93
C ALA A 75 6.63 3.29 -5.90
N LEU A 76 6.85 3.71 -7.15
CA LEU A 76 5.89 3.62 -8.24
C LEU A 76 6.28 2.50 -9.18
N ALA A 77 5.35 1.57 -9.42
CA ALA A 77 5.65 0.45 -10.30
C ALA A 77 5.86 0.90 -11.74
N LEU A 78 6.86 0.31 -12.40
CA LEU A 78 7.06 0.54 -13.83
C LEU A 78 6.52 -0.62 -14.66
N PHE A 79 7.09 -1.82 -14.50
CA PHE A 79 6.65 -3.02 -15.21
C PHE A 79 7.32 -4.25 -14.58
N GLU A 80 6.65 -5.40 -14.73
CA GLU A 80 7.18 -6.69 -14.30
C GLU A 80 8.43 -7.09 -15.10
N ALA A 81 9.31 -7.84 -14.45
CA ALA A 81 10.45 -8.43 -15.14
C ALA A 81 10.50 -9.91 -14.80
N PRO A 82 9.72 -10.73 -15.50
CA PRO A 82 9.74 -12.16 -15.23
C PRO A 82 11.11 -12.74 -15.58
N LEU A 83 11.49 -13.76 -14.83
CA LEU A 83 12.78 -14.40 -14.96
C LEU A 83 12.67 -15.65 -15.84
N THR A 84 13.66 -15.84 -16.71
CA THR A 84 13.72 -17.04 -17.51
C THR A 84 15.17 -17.54 -17.60
N VAL A 85 15.32 -18.78 -18.04
CA VAL A 85 16.64 -19.39 -18.24
C VAL A 85 17.27 -18.82 -19.50
N LEU A 86 18.52 -18.36 -19.38
CA LEU A 86 19.28 -17.82 -20.50
C LEU A 86 20.67 -18.44 -20.49
N CYS A 87 21.17 -18.78 -21.68
CA CYS A 87 22.46 -19.47 -21.78
C CYS A 87 23.05 -19.27 -23.17
N CYS A 88 24.30 -19.71 -23.34
CA CYS A 88 24.92 -19.65 -24.64
C CYS A 88 24.41 -20.78 -25.55
N PRO A 89 24.53 -20.61 -26.88
CA PRO A 89 24.12 -21.69 -27.81
C PRO A 89 24.79 -23.03 -27.53
N GLU A 90 26.10 -23.01 -27.31
CA GLU A 90 26.87 -24.12 -26.75
C GLU A 90 26.03 -24.92 -25.76
N VAL A 91 25.65 -24.28 -24.66
CA VAL A 91 24.90 -24.99 -23.62
C VAL A 91 23.46 -25.23 -24.04
N ALA A 92 22.88 -24.32 -24.84
CA ALA A 92 21.46 -24.45 -25.18
C ALA A 92 21.18 -25.73 -25.96
N ALA A 93 22.08 -26.11 -26.87
CA ALA A 93 21.90 -27.34 -27.65
C ALA A 93 21.81 -28.56 -26.75
N GLN A 94 22.59 -28.58 -25.66
CA GLN A 94 22.67 -29.73 -24.76
C GLN A 94 21.45 -29.89 -23.86
N LEU A 95 20.52 -28.93 -23.85
CA LEU A 95 19.34 -29.00 -23.00
C LEU A 95 18.13 -29.45 -23.81
N HIS A 96 17.45 -30.48 -23.31
CA HIS A 96 16.21 -30.96 -23.93
C HIS A 96 15.01 -30.78 -23.03
N SER A 97 15.17 -31.00 -21.74
CA SER A 97 14.13 -30.74 -20.75
C SER A 97 14.75 -29.93 -19.62
N PRO A 98 13.94 -29.16 -18.89
CA PRO A 98 14.47 -28.45 -17.71
C PRO A 98 15.17 -29.36 -16.70
N ALA A 99 14.90 -30.67 -16.73
CA ALA A 99 15.56 -31.59 -15.80
C ALA A 99 17.06 -31.68 -16.08
N ASP A 100 17.47 -31.49 -17.33
CA ASP A 100 18.90 -31.45 -17.68
C ASP A 100 19.67 -30.33 -16.99
N LEU A 101 18.96 -29.34 -16.42
CA LEU A 101 19.66 -28.16 -15.91
C LEU A 101 20.60 -28.50 -14.76
N LEU A 102 20.32 -29.57 -14.00
CA LEU A 102 21.18 -29.87 -12.86
C LEU A 102 22.53 -30.45 -13.28
N GLN A 103 22.76 -30.68 -14.57
CA GLN A 103 24.06 -31.05 -15.10
C GLN A 103 24.95 -29.85 -15.37
N HIS A 104 24.48 -28.64 -15.09
CA HIS A 104 25.21 -27.42 -15.38
C HIS A 104 25.32 -26.59 -14.11
N THR A 105 26.34 -25.75 -14.08
CA THR A 105 26.41 -24.72 -13.07
C THR A 105 25.22 -23.80 -13.22
N LEU A 106 24.50 -23.61 -12.12
CA LEU A 106 23.35 -22.74 -12.08
C LEU A 106 23.83 -21.39 -11.57
N LEU A 107 23.89 -20.40 -12.46
CA LEU A 107 24.27 -19.04 -12.05
C LEU A 107 23.08 -18.38 -11.37
N ARG A 108 23.33 -17.72 -10.23
CA ARG A 108 22.21 -17.13 -9.52
C ARG A 108 22.57 -15.78 -8.94
N SER A 109 21.53 -15.05 -8.54
CA SER A 109 21.64 -13.77 -7.85
C SER A 109 21.59 -13.97 -6.33
N TYR A 110 21.74 -12.88 -5.59
CA TYR A 110 21.64 -12.97 -4.12
C TYR A 110 20.27 -13.29 -3.58
N ARG A 111 19.26 -13.17 -4.42
CA ARG A 111 17.93 -13.58 -4.00
C ARG A 111 17.81 -15.09 -4.18
N ALA A 112 17.79 -15.84 -3.08
CA ALA A 112 18.10 -17.26 -3.14
C ALA A 112 16.93 -18.13 -3.57
N ASP A 113 15.73 -17.59 -3.69
CA ASP A 113 14.57 -18.43 -4.01
C ASP A 113 14.15 -18.33 -5.48
N GLU A 114 14.97 -17.75 -6.34
CA GLU A 114 14.56 -17.60 -7.72
C GLU A 114 14.59 -18.93 -8.46
N TRP A 115 15.67 -19.70 -8.30
CA TRP A 115 15.76 -21.00 -8.97
C TRP A 115 14.71 -21.99 -8.49
N PRO A 116 14.49 -22.21 -7.18
CA PRO A 116 13.37 -23.07 -6.79
C PRO A 116 12.03 -22.57 -7.28
N LEU A 117 11.80 -21.26 -7.26
CA LEU A 117 10.55 -20.73 -7.79
C LEU A 117 10.39 -21.06 -9.27
N TRP A 118 11.47 -20.95 -10.04
CA TRP A 118 11.37 -21.21 -11.47
C TRP A 118 11.15 -22.68 -11.75
N PHE A 119 11.86 -23.56 -11.03
CA PHE A 119 11.66 -24.99 -11.22
C PHE A 119 10.19 -25.36 -10.98
N GLN A 120 9.61 -24.84 -9.89
CA GLN A 120 8.18 -24.99 -9.67
C GLN A 120 7.38 -24.62 -10.90
N ALA A 121 7.54 -23.38 -11.36
CA ALA A 121 6.81 -22.94 -12.54
C ALA A 121 7.01 -23.87 -13.73
N ALA A 122 8.12 -24.58 -13.79
CA ALA A 122 8.36 -25.55 -14.85
C ALA A 122 7.78 -26.92 -14.55
N GLY A 123 7.18 -27.12 -13.38
CA GLY A 123 6.63 -28.41 -13.03
C GLY A 123 7.64 -29.40 -12.52
N LEU A 124 8.57 -28.95 -11.69
CA LEU A 124 9.62 -29.77 -11.09
C LEU A 124 9.69 -29.43 -9.61
N PRO A 125 10.30 -30.31 -8.81
CA PRO A 125 10.45 -30.02 -7.37
C PRO A 125 11.28 -28.76 -7.15
N ALA A 126 11.14 -28.17 -5.96
CA ALA A 126 11.67 -26.84 -5.70
C ALA A 126 13.12 -26.87 -5.24
N HIS A 127 13.98 -27.44 -6.08
CA HIS A 127 15.43 -27.43 -5.84
C HIS A 127 15.96 -26.01 -6.06
N ALA A 128 16.69 -25.31 -5.17
CA ALA A 128 17.48 -25.62 -3.95
C ALA A 128 18.98 -25.71 -4.32
N PRO A 129 19.51 -24.74 -5.12
CA PRO A 129 20.85 -24.93 -5.68
C PRO A 129 21.97 -24.27 -4.89
N LEU A 130 22.57 -25.02 -3.96
CA LEU A 130 23.82 -24.66 -3.30
C LEU A 130 24.88 -25.65 -3.79
N THR A 131 25.81 -25.16 -4.63
CA THR A 131 26.78 -26.01 -5.30
C THR A 131 26.06 -26.99 -6.25
N ARG A 132 26.39 -26.92 -7.54
CA ARG A 132 27.41 -26.02 -8.00
C ARG A 132 26.82 -24.72 -8.48
N SER A 133 27.25 -23.64 -7.87
CA SER A 133 26.68 -22.37 -8.28
C SER A 133 27.52 -21.19 -7.79
N ILE A 134 27.32 -20.07 -8.48
CA ILE A 134 28.07 -18.83 -8.33
C ILE A 134 27.04 -17.72 -8.20
N VAL A 135 27.23 -16.84 -7.23
CA VAL A 135 26.26 -15.81 -6.90
C VAL A 135 26.72 -14.49 -7.48
N PHE A 136 25.80 -13.74 -8.09
CA PHE A 136 26.14 -12.56 -8.86
C PHE A 136 25.43 -11.33 -8.30
N ASP A 137 26.16 -10.23 -8.19
CA ASP A 137 25.56 -8.99 -7.70
C ASP A 137 24.73 -8.32 -8.78
N THR A 138 25.01 -8.60 -10.05
CA THR A 138 24.36 -7.95 -11.17
C THR A 138 24.13 -8.97 -12.27
N SER A 139 22.97 -8.89 -12.91
CA SER A 139 22.64 -9.78 -14.02
C SER A 139 23.59 -9.58 -15.18
N LEU A 140 24.11 -8.36 -15.35
CA LEU A 140 25.12 -8.13 -16.39
C LEU A 140 26.30 -9.07 -16.20
N ALA A 141 26.79 -9.19 -14.97
CA ALA A 141 27.91 -10.09 -14.74
C ALA A 141 27.49 -11.54 -14.95
N MET A 142 26.25 -11.86 -14.54
CA MET A 142 25.71 -13.21 -14.71
C MET A 142 25.54 -13.57 -16.18
N LEU A 143 25.14 -12.61 -17.03
CA LEU A 143 24.91 -12.94 -18.44
C LEU A 143 26.21 -13.04 -19.21
N GLU A 144 27.19 -12.18 -18.87
CA GLU A 144 28.54 -12.31 -19.41
C GLU A 144 29.14 -13.68 -19.03
N ALA A 145 28.95 -14.13 -17.79
CA ALA A 145 29.42 -15.47 -17.44
C ALA A 145 28.72 -16.54 -18.26
N ALA A 146 27.41 -16.36 -18.48
CA ALA A 146 26.67 -17.34 -19.28
C ALA A 146 27.13 -17.30 -20.73
N ARG A 147 27.36 -16.12 -21.28
CA ARG A 147 27.94 -16.00 -22.62
C ARG A 147 29.19 -16.87 -22.77
N GLN A 148 30.11 -16.76 -21.80
CA GLN A 148 31.38 -17.48 -21.83
C GLN A 148 31.26 -18.95 -21.45
N GLY A 149 30.04 -19.48 -21.36
CA GLY A 149 29.84 -20.91 -21.14
C GLY A 149 30.01 -21.39 -19.73
N VAL A 150 30.14 -20.49 -18.75
CA VAL A 150 30.37 -20.91 -17.38
C VAL A 150 29.16 -21.64 -16.80
N GLY A 151 27.95 -21.24 -17.18
CA GLY A 151 26.78 -21.83 -16.58
C GLY A 151 25.50 -21.34 -17.22
N VAL A 152 24.38 -21.61 -16.55
CA VAL A 152 23.06 -21.28 -17.05
C VAL A 152 22.48 -20.15 -16.19
N ALA A 153 22.09 -19.05 -16.84
CA ALA A 153 21.58 -17.86 -16.17
C ALA A 153 20.06 -17.90 -15.97
N LEU A 154 19.62 -17.20 -14.94
CA LEU A 154 18.21 -16.96 -14.65
C LEU A 154 18.06 -15.48 -14.40
N ALA A 155 17.43 -14.78 -15.34
CA ALA A 155 17.49 -13.32 -15.41
C ALA A 155 16.29 -12.83 -16.19
N PRO A 156 16.03 -11.51 -16.18
CA PRO A 156 14.90 -10.97 -16.97
C PRO A 156 15.22 -10.91 -18.45
N ALA A 157 14.46 -11.66 -19.25
CA ALA A 157 14.67 -11.65 -20.71
C ALA A 157 14.55 -10.26 -21.28
N ALA A 158 13.62 -9.47 -20.76
CA ALA A 158 13.34 -8.15 -21.30
C ALA A 158 14.47 -7.17 -21.08
N MET A 159 15.49 -7.54 -20.31
CA MET A 159 16.66 -6.69 -20.17
C MET A 159 17.81 -7.11 -21.08
N PHE A 160 17.68 -8.23 -21.80
CA PHE A 160 18.73 -8.72 -22.68
C PHE A 160 18.17 -8.98 -24.07
N ALA A 161 17.31 -8.07 -24.51
CA ALA A 161 16.60 -8.22 -25.77
C ALA A 161 17.55 -8.14 -26.95
N ARG A 162 18.43 -7.14 -26.94
CA ARG A 162 19.45 -7.00 -27.96
C ARG A 162 20.20 -8.31 -28.16
N GLN A 163 20.80 -8.82 -27.08
CA GLN A 163 21.53 -10.08 -27.13
C GLN A 163 20.68 -11.20 -27.74
N LEU A 164 19.45 -11.33 -27.28
CA LEU A 164 18.58 -12.38 -27.82
C LEU A 164 18.29 -12.15 -29.30
N ALA A 165 17.96 -10.91 -29.69
CA ALA A 165 17.68 -10.62 -31.09
C ALA A 165 18.91 -10.75 -31.98
N SER A 166 20.10 -10.45 -31.44
CA SER A 166 21.34 -10.70 -32.15
C SER A 166 21.74 -12.17 -32.14
N GLU A 167 20.97 -13.01 -31.44
CA GLU A 167 21.23 -14.43 -31.23
C GLU A 167 22.52 -14.71 -30.47
N SER A 168 23.13 -13.69 -29.87
CA SER A 168 24.33 -13.91 -29.09
C SER A 168 24.07 -14.69 -27.81
N ILE A 169 22.82 -14.71 -27.30
CA ILE A 169 22.43 -15.67 -26.27
C ILE A 169 21.04 -16.21 -26.58
N ARG A 170 20.71 -17.32 -25.93
CA ARG A 170 19.54 -18.10 -26.29
C ARG A 170 18.63 -18.30 -25.08
N ARG A 171 17.33 -18.39 -25.37
CA ARG A 171 16.32 -18.77 -24.40
C ARG A 171 15.88 -20.20 -24.68
N PRO A 172 16.32 -21.19 -23.91
CA PRO A 172 16.00 -22.59 -24.24
C PRO A 172 14.61 -23.05 -23.87
N PHE A 173 13.95 -22.43 -22.88
CA PHE A 173 12.62 -22.87 -22.46
C PHE A 173 11.64 -21.71 -22.42
N ALA A 174 10.35 -22.05 -22.47
CA ALA A 174 9.29 -21.05 -22.42
C ALA A 174 8.94 -20.62 -21.00
N THR A 175 9.19 -21.47 -20.01
CA THR A 175 8.75 -21.19 -18.65
C THR A 175 9.35 -19.89 -18.12
N GLU A 176 8.48 -19.03 -17.56
CA GLU A 176 8.87 -17.84 -16.80
C GLU A 176 8.40 -17.99 -15.36
N VAL A 177 8.91 -17.11 -14.50
CA VAL A 177 8.39 -16.93 -13.16
C VAL A 177 8.50 -15.46 -12.80
N SER A 178 7.44 -14.94 -12.19
CA SER A 178 7.32 -13.53 -11.84
C SER A 178 7.72 -13.36 -10.39
N THR A 179 8.90 -12.78 -10.15
CA THR A 179 9.34 -12.58 -8.78
C THR A 179 9.43 -11.11 -8.38
N GLY A 180 9.44 -10.18 -9.34
CA GLY A 180 9.59 -8.78 -9.01
C GLY A 180 9.35 -7.90 -10.22
N SER A 181 9.40 -6.60 -9.95
CA SER A 181 9.19 -5.55 -10.94
C SER A 181 10.30 -4.53 -10.79
N TYR A 182 10.40 -3.64 -11.79
CA TYR A 182 11.19 -2.43 -11.66
C TYR A 182 10.31 -1.31 -11.12
N TRP A 183 10.86 -0.51 -10.23
CA TRP A 183 10.14 0.53 -9.50
C TRP A 183 10.90 1.84 -9.60
N LEU A 184 10.16 2.95 -9.72
CA LEU A 184 10.74 4.26 -9.51
C LEU A 184 10.52 4.64 -8.04
N THR A 185 11.60 4.76 -7.27
CA THR A 185 11.51 4.99 -5.84
C THR A 185 12.09 6.35 -5.50
N ARG A 186 11.68 6.87 -4.34
CA ARG A 186 12.10 8.16 -3.83
C ARG A 186 11.96 8.13 -2.32
N LEU A 187 12.77 8.94 -1.62
CA LEU A 187 12.66 9.02 -0.17
C LEU A 187 11.39 9.76 0.23
N GLN A 188 10.68 9.22 1.23
CA GLN A 188 9.49 9.89 1.78
C GLN A 188 9.84 11.28 2.32
N SER A 189 11.07 11.46 2.79
CA SER A 189 11.54 12.70 3.40
C SER A 189 11.61 13.87 2.43
N ARG A 190 11.69 13.61 1.13
CA ARG A 190 12.03 14.66 0.19
C ARG A 190 10.84 15.03 -0.68
N GLY A 191 10.71 16.30 -0.97
CA GLY A 191 9.70 16.74 -1.90
C GLY A 191 10.12 16.49 -3.35
N GLU A 192 9.12 16.38 -4.20
CA GLU A 192 9.33 16.17 -5.62
C GLU A 192 9.50 17.53 -6.27
N THR A 193 10.66 17.73 -6.90
CA THR A 193 10.91 18.97 -7.61
C THR A 193 10.20 18.94 -8.95
N SER A 194 10.29 20.03 -9.70
CA SER A 194 9.61 20.11 -10.97
C SER A 194 10.31 19.25 -12.04
N ALA A 195 11.65 19.22 -12.03
CA ALA A 195 12.34 18.32 -12.96
C ALA A 195 12.04 16.87 -12.65
N MET A 196 11.98 16.52 -11.37
CA MET A 196 11.55 15.18 -10.97
C MET A 196 10.17 14.85 -11.56
N LEU A 197 9.21 15.77 -11.42
CA LEU A 197 7.87 15.49 -11.95
C LEU A 197 7.92 15.29 -13.46
N ALA A 198 8.68 16.13 -14.16
CA ALA A 198 8.82 15.95 -15.60
C ALA A 198 9.40 14.58 -15.92
N PHE A 199 10.49 14.19 -15.23
CA PHE A 199 11.10 12.91 -15.53
C PHE A 199 10.15 11.75 -15.26
N ARG A 200 9.42 11.81 -14.14
CA ARG A 200 8.46 10.78 -13.80
C ARG A 200 7.39 10.61 -14.88
N GLY A 201 6.88 11.72 -15.41
CA GLY A 201 5.86 11.62 -16.44
C GLY A 201 6.36 10.90 -17.69
N TRP A 202 7.54 11.32 -18.17
CA TRP A 202 8.15 10.66 -19.32
C TRP A 202 8.45 9.19 -19.04
N LEU A 203 8.93 8.88 -17.84
CA LEU A 203 9.31 7.50 -17.56
C LEU A 203 8.09 6.60 -17.47
N LEU A 204 6.99 7.11 -16.91
CA LEU A 204 5.75 6.32 -16.83
C LEU A 204 5.17 6.06 -18.22
N GLU A 205 5.19 7.05 -19.10
CA GLU A 205 4.77 6.83 -20.49
C GLU A 205 5.59 5.71 -21.13
N MET A 206 6.92 5.80 -21.06
CA MET A 206 7.76 4.75 -21.63
C MET A 206 7.51 3.41 -20.95
N ALA A 207 7.28 3.40 -19.65
CA ALA A 207 7.03 2.12 -18.99
C ALA A 207 5.72 1.51 -19.46
N ALA A 208 4.69 2.34 -19.70
CA ALA A 208 3.41 1.80 -20.14
C ALA A 208 3.52 1.14 -21.50
N VAL A 209 4.34 1.70 -22.40
CA VAL A 209 4.57 1.05 -23.69
C VAL A 209 5.26 -0.29 -23.50
N GLU A 210 6.09 -0.42 -22.47
CA GLU A 210 6.80 -1.68 -22.29
C GLU A 210 5.84 -2.74 -21.72
N ALA A 211 5.07 -2.38 -20.69
CA ALA A 211 4.13 -3.34 -20.13
C ALA A 211 3.12 -3.76 -21.16
N ARG A 212 2.63 -2.79 -21.95
CA ARG A 212 1.68 -3.06 -23.03
C ARG A 212 2.29 -4.01 -24.06
N GLY A 213 3.58 -3.82 -24.39
CA GLY A 213 4.23 -4.65 -25.38
C GLY A 213 4.28 -6.12 -25.03
N ARG A 214 4.33 -6.45 -23.74
CA ARG A 214 4.48 -7.85 -23.36
C ARG A 214 3.18 -8.64 -23.39
N LEU A 215 2.04 -7.98 -23.29
CA LEU A 215 0.79 -8.65 -23.63
C LEU A 215 0.64 -8.76 -25.14
N GLU A 216 1.06 -7.71 -25.88
CA GLU A 216 1.15 -7.71 -27.34
C GLU A 216 2.32 -8.60 -27.78
N ASP B 12 17.85 36.41 14.11
CA ASP B 12 16.65 35.69 14.53
C ASP B 12 16.94 34.21 14.82
N VAL B 13 17.32 33.93 16.06
CA VAL B 13 17.89 32.63 16.40
C VAL B 13 16.81 31.75 17.03
N LEU B 14 16.97 30.44 16.83
CA LEU B 14 16.11 29.41 17.43
C LEU B 14 16.99 28.21 17.77
N THR B 15 17.00 27.81 19.03
CA THR B 15 17.88 26.73 19.49
C THR B 15 17.04 25.51 19.84
N VAL B 16 17.18 24.45 19.05
CA VAL B 16 16.46 23.20 19.26
C VAL B 16 17.48 22.12 19.62
N GLY B 17 17.24 21.41 20.71
CA GLY B 17 18.08 20.28 21.07
C GLY B 17 17.32 18.98 20.95
N ALA B 18 17.66 18.13 19.99
CA ALA B 18 16.89 16.92 19.73
C ALA B 18 17.72 15.70 20.07
N VAL B 19 17.06 14.68 20.63
CA VAL B 19 17.76 13.42 20.88
C VAL B 19 18.33 12.88 19.55
N GLY B 20 19.51 12.27 19.61
CA GLY B 20 20.33 12.14 18.41
C GLY B 20 19.77 11.14 17.40
N THR B 21 19.28 10.02 17.89
CA THR B 21 18.61 9.04 17.04
C THR B 21 17.49 9.67 16.21
N PHE B 22 16.65 10.49 16.85
CA PHE B 22 15.57 11.18 16.14
C PHE B 22 16.12 12.15 15.09
N THR B 23 17.11 12.95 15.48
CA THR B 23 17.71 13.95 14.61
C THR B 23 18.16 13.35 13.28
N VAL B 24 18.92 12.27 13.36
CA VAL B 24 19.58 11.73 12.19
C VAL B 24 18.67 10.76 11.44
N GLY B 25 17.79 10.06 12.15
CA GLY B 25 16.94 9.14 11.46
C GLY B 25 15.69 9.75 10.88
N TRP B 26 15.39 11.02 11.17
CA TRP B 26 14.09 11.56 10.75
C TRP B 26 14.06 13.07 10.53
N LEU B 27 14.58 13.86 11.48
CA LEU B 27 14.44 15.32 11.41
C LEU B 27 15.35 15.97 10.37
N LEU B 28 16.62 15.57 10.30
CA LEU B 28 17.53 16.17 9.33
C LEU B 28 17.12 15.96 7.88
N PRO B 29 16.65 14.78 7.46
CA PRO B 29 16.19 14.64 6.07
C PRO B 29 15.04 15.58 5.70
N ARG B 30 14.34 16.18 6.67
CA ARG B 30 13.20 17.04 6.39
C ARG B 30 13.50 18.51 6.61
N LEU B 31 14.68 18.83 7.14
CA LEU B 31 14.95 20.20 7.57
C LEU B 31 15.14 21.15 6.38
N GLU B 32 15.63 20.64 5.24
CA GLU B 32 15.71 21.45 4.03
C GLU B 32 14.39 22.13 3.74
N ASP B 33 13.30 21.38 3.84
CA ASP B 33 11.96 21.94 3.66
C ASP B 33 11.76 23.16 4.57
N PHE B 34 11.97 22.97 5.87
CA PHE B 34 11.79 24.05 6.83
C PHE B 34 12.62 25.27 6.45
N GLN B 35 13.90 25.08 6.16
CA GLN B 35 14.78 26.19 5.79
C GLN B 35 14.40 26.83 4.47
N ALA B 36 13.67 26.12 3.60
CA ALA B 36 13.13 26.73 2.39
C ALA B 36 11.87 27.53 2.67
N ARG B 37 11.04 27.07 3.61
CA ARG B 37 9.80 27.76 3.91
C ARG B 37 9.98 28.93 4.89
N HIS B 38 11.01 28.93 5.72
CA HIS B 38 11.36 30.10 6.53
C HIS B 38 12.84 30.40 6.37
N PRO B 39 13.24 30.97 5.22
CA PRO B 39 14.68 31.13 4.93
C PRO B 39 15.41 32.11 5.82
N PHE B 40 14.75 32.84 6.71
CA PHE B 40 15.46 33.82 7.52
C PHE B 40 15.39 33.51 9.01
N ILE B 41 15.09 32.25 9.35
CA ILE B 41 15.31 31.73 10.70
C ILE B 41 16.71 31.13 10.78
N ASP B 42 17.44 31.47 11.85
CA ASP B 42 18.75 30.89 12.10
C ASP B 42 18.57 29.79 13.14
N LEU B 43 18.32 28.57 12.67
CA LEU B 43 18.18 27.42 13.54
C LEU B 43 19.55 26.96 14.04
N ARG B 44 19.67 26.80 15.35
CA ARG B 44 20.85 26.24 16.00
C ARG B 44 20.47 24.87 16.52
N LEU B 45 20.68 23.85 15.71
CA LEU B 45 20.30 22.50 16.09
C LEU B 45 21.46 21.83 16.83
N SER B 46 21.15 21.20 17.96
CA SER B 46 22.09 20.39 18.75
C SER B 46 21.44 19.05 19.10
N THR B 47 22.26 18.01 19.34
CA THR B 47 21.73 16.72 19.74
C THR B 47 22.12 16.40 21.18
N HIS B 48 21.43 15.41 21.74
CA HIS B 48 21.66 14.99 23.10
C HIS B 48 21.23 13.53 23.23
N ASN B 49 21.36 12.99 24.42
CA ASN B 49 21.16 11.55 24.64
C ASN B 49 19.89 11.27 25.43
N ASN B 50 18.94 12.22 25.37
CA ASN B 50 17.59 12.18 25.93
C ASN B 50 17.56 12.60 27.39
N ARG B 51 18.70 12.75 28.03
CA ARG B 51 18.74 13.12 29.44
C ARG B 51 19.29 14.55 29.51
N VAL B 52 18.38 15.53 29.45
CA VAL B 52 18.78 16.92 29.30
C VAL B 52 18.07 17.80 30.31
N ASP B 53 18.66 18.97 30.52
CA ASP B 53 18.18 20.05 31.37
C ASP B 53 17.93 21.24 30.44
N ILE B 54 16.67 21.49 30.07
CA ILE B 54 16.38 22.50 29.05
C ILE B 54 16.96 23.85 29.46
N ALA B 55 16.74 24.25 30.72
CA ALA B 55 17.33 25.48 31.25
C ALA B 55 18.84 25.50 31.07
N ALA B 56 19.54 24.49 31.61
CA ALA B 56 21.00 24.53 31.66
C ALA B 56 21.61 24.61 30.28
N GLU B 57 21.01 23.93 29.29
CA GLU B 57 21.52 23.94 27.93
C GLU B 57 21.01 25.13 27.10
N GLY B 58 20.13 25.95 27.66
CA GLY B 58 19.68 27.17 26.98
C GLY B 58 18.95 26.94 25.67
N LEU B 59 18.03 25.98 25.64
CA LEU B 59 17.30 25.65 24.43
C LEU B 59 15.92 26.30 24.50
N ASP B 60 15.44 26.74 23.33
CA ASP B 60 14.03 27.08 23.21
C ASP B 60 13.18 25.81 23.34
N TYR B 61 13.37 24.86 22.43
CA TYR B 61 12.73 23.56 22.44
C TYR B 61 13.73 22.42 22.64
N ALA B 62 13.29 21.37 23.32
CA ALA B 62 13.96 20.08 23.27
C ALA B 62 13.00 19.05 22.68
N ILE B 63 13.55 18.11 21.91
CA ILE B 63 12.77 16.98 21.41
C ILE B 63 13.25 15.75 22.14
N ARG B 64 12.35 15.07 22.85
CA ARG B 64 12.73 13.92 23.67
C ARG B 64 11.82 12.74 23.39
N PHE B 65 12.30 11.56 23.78
CA PHE B 65 11.53 10.33 23.79
C PHE B 65 11.04 10.06 25.21
N GLY B 66 9.81 9.60 25.34
CA GLY B 66 9.31 9.25 26.67
C GLY B 66 7.79 9.37 26.77
N GLY B 67 7.34 9.65 28.00
CA GLY B 67 5.94 9.69 28.39
C GLY B 67 5.29 11.07 28.45
N GLY B 68 6.01 12.13 28.13
CA GLY B 68 5.37 13.42 27.99
C GLY B 68 5.07 14.14 29.29
N ALA B 69 5.40 13.55 30.42
CA ALA B 69 5.12 14.14 31.73
C ALA B 69 6.44 14.48 32.44
N TRP B 70 7.11 15.53 31.96
CA TRP B 70 8.31 16.07 32.60
C TRP B 70 7.93 17.35 33.35
N HIS B 71 8.29 17.45 34.62
CA HIS B 71 7.83 18.57 35.43
C HIS B 71 8.34 19.90 34.89
N GLY B 72 7.46 20.90 34.86
CA GLY B 72 7.80 22.25 34.47
C GLY B 72 7.79 22.53 32.99
N THR B 73 7.43 21.56 32.16
CA THR B 73 7.55 21.69 30.72
C THR B 73 6.22 21.44 30.05
N GLU B 74 5.98 22.15 28.96
CA GLU B 74 4.84 21.89 28.09
C GLU B 74 5.32 20.96 26.99
N ALA B 75 4.65 19.81 26.85
CA ALA B 75 5.08 18.74 25.95
C ALA B 75 3.99 18.49 24.92
N LEU B 76 4.34 18.61 23.64
CA LEU B 76 3.42 18.37 22.54
C LEU B 76 3.83 17.08 21.86
N ALA B 77 2.92 16.12 21.78
CA ALA B 77 3.32 14.84 21.21
C ALA B 77 3.50 14.95 19.70
N LEU B 78 4.45 14.20 19.18
CA LEU B 78 4.74 14.18 17.76
C LEU B 78 4.19 12.89 17.14
N PHE B 79 4.74 11.76 17.54
CA PHE B 79 4.26 10.46 17.10
C PHE B 79 4.86 9.39 17.99
N GLU B 80 4.21 8.23 17.99
CA GLU B 80 4.59 7.07 18.78
C GLU B 80 5.83 6.40 18.18
N ALA B 81 6.63 5.76 19.02
CA ALA B 81 7.87 5.15 18.56
C ALA B 81 7.96 3.70 19.03
N PRO B 82 7.23 2.78 18.38
CA PRO B 82 7.21 1.40 18.84
C PRO B 82 8.52 0.69 18.54
N LEU B 83 8.93 -0.18 19.47
CA LEU B 83 10.20 -0.88 19.41
C LEU B 83 10.04 -2.27 18.82
N THR B 84 10.97 -2.67 17.98
CA THR B 84 10.94 -4.02 17.46
C THR B 84 12.37 -4.58 17.46
N VAL B 85 12.48 -5.89 17.26
CA VAL B 85 13.76 -6.57 17.24
C VAL B 85 14.43 -6.34 15.88
N LEU B 86 15.73 -5.98 15.91
CA LEU B 86 16.50 -5.61 14.72
C LEU B 86 17.90 -6.21 14.82
N CYS B 87 18.38 -6.83 13.74
CA CYS B 87 19.66 -7.54 13.75
C CYS B 87 20.24 -7.60 12.33
N CYS B 88 21.44 -8.18 12.19
CA CYS B 88 22.13 -8.27 10.90
C CYS B 88 21.55 -9.41 10.07
N PRO B 89 22.01 -9.67 8.84
CA PRO B 89 21.31 -10.73 8.09
C PRO B 89 21.56 -12.14 8.62
N GLU B 90 22.77 -12.50 9.07
CA GLU B 90 23.02 -13.89 9.43
C GLU B 90 22.26 -14.30 10.68
N VAL B 91 22.32 -13.48 11.74
CA VAL B 91 21.61 -13.77 12.98
C VAL B 91 20.11 -13.82 12.71
N ALA B 92 19.63 -13.05 11.74
CA ALA B 92 18.21 -13.10 11.41
C ALA B 92 17.84 -14.47 10.84
N ALA B 93 18.74 -15.05 10.04
CA ALA B 93 18.50 -16.38 9.49
C ALA B 93 18.41 -17.43 10.60
N GLN B 94 19.29 -17.33 11.61
CA GLN B 94 19.22 -18.22 12.77
C GLN B 94 17.97 -18.01 13.61
N LEU B 95 17.22 -16.93 13.40
CA LEU B 95 16.05 -16.62 14.20
C LEU B 95 14.81 -17.13 13.47
N HIS B 96 14.18 -18.16 14.04
CA HIS B 96 12.95 -18.71 13.51
C HIS B 96 11.73 -18.30 14.32
N SER B 97 11.87 -18.25 15.64
CA SER B 97 10.80 -17.84 16.52
C SER B 97 11.39 -17.01 17.63
N PRO B 98 10.58 -16.21 18.32
CA PRO B 98 11.13 -15.33 19.37
C PRO B 98 11.94 -16.05 20.43
N ALA B 99 11.57 -17.28 20.79
CA ALA B 99 12.31 -18.02 21.82
C ALA B 99 13.78 -18.20 21.46
N ASP B 100 14.13 -18.16 20.17
CA ASP B 100 15.50 -18.28 19.71
C ASP B 100 16.39 -17.11 20.11
N LEU B 101 15.80 -16.02 20.62
CA LEU B 101 16.55 -14.80 20.89
C LEU B 101 17.53 -14.98 22.03
N LEU B 102 17.14 -15.72 23.08
CA LEU B 102 18.02 -15.90 24.23
C LEU B 102 19.32 -16.61 23.86
N GLN B 103 19.44 -17.11 22.63
CA GLN B 103 20.68 -17.65 22.07
C GLN B 103 21.68 -16.57 21.71
N HIS B 104 21.29 -15.30 21.79
CA HIS B 104 22.15 -14.21 21.43
C HIS B 104 22.21 -13.22 22.57
N THR B 105 23.18 -12.33 22.49
CA THR B 105 23.27 -11.30 23.51
C THR B 105 22.25 -10.21 23.20
N LEU B 106 21.52 -9.78 24.23
CA LEU B 106 20.48 -8.78 24.11
C LEU B 106 21.11 -7.39 24.24
N LEU B 107 21.05 -6.60 23.19
CA LEU B 107 21.50 -5.21 23.25
C LEU B 107 20.37 -4.35 23.82
N ARG B 108 20.63 -3.70 24.95
CA ARG B 108 19.65 -2.99 25.75
C ARG B 108 19.90 -1.48 25.73
N SER B 109 18.84 -0.69 25.88
CA SER B 109 19.00 0.73 26.16
C SER B 109 18.95 0.97 27.66
N TYR B 110 19.29 2.20 28.07
CA TYR B 110 19.34 2.53 29.49
C TYR B 110 17.96 2.51 30.13
N ARG B 111 16.89 2.55 29.34
CA ARG B 111 15.55 2.20 29.79
C ARG B 111 15.50 0.67 29.95
N ALA B 112 15.26 0.06 31.12
CA ALA B 112 14.52 0.40 32.37
C ALA B 112 13.04 -0.09 32.43
N ASP B 113 12.59 -1.14 31.71
CA ASP B 113 13.28 -1.88 30.67
C ASP B 113 12.29 -2.52 29.68
N GLU B 114 12.73 -2.56 28.44
CA GLU B 114 11.88 -2.78 27.29
C GLU B 114 11.87 -4.22 26.81
N TRP B 115 12.93 -4.99 27.07
CA TRP B 115 12.89 -6.39 26.65
C TRP B 115 11.78 -7.17 27.32
N PRO B 116 11.56 -7.09 28.65
CA PRO B 116 10.39 -7.76 29.24
C PRO B 116 9.09 -7.46 28.51
N LEU B 117 8.76 -6.19 28.32
CA LEU B 117 7.51 -5.82 27.66
C LEU B 117 7.44 -6.37 26.23
N TRP B 118 8.57 -6.43 25.53
CA TRP B 118 8.51 -6.96 24.17
C TRP B 118 8.26 -8.46 24.19
N PHE B 119 8.92 -9.17 25.12
CA PHE B 119 8.67 -10.60 25.28
C PHE B 119 7.20 -10.84 25.55
N GLN B 120 6.66 -10.13 26.54
CA GLN B 120 5.23 -10.13 26.83
C GLN B 120 4.41 -9.96 25.56
N ALA B 121 4.70 -8.91 24.78
CA ALA B 121 3.92 -8.64 23.58
C ALA B 121 4.01 -9.75 22.54
N ALA B 122 5.11 -10.49 22.53
CA ALA B 122 5.27 -11.61 21.61
C ALA B 122 4.82 -12.93 22.22
N GLY B 123 4.05 -12.89 23.29
CA GLY B 123 3.45 -14.10 23.82
C GLY B 123 4.43 -15.03 24.49
N LEU B 124 5.50 -14.50 25.06
CA LEU B 124 6.46 -15.28 25.81
C LEU B 124 6.43 -14.87 27.27
N PRO B 125 6.79 -15.75 28.19
CA PRO B 125 6.79 -15.39 29.61
C PRO B 125 8.03 -14.62 30.03
N ALA B 126 8.35 -14.65 31.32
CA ALA B 126 9.49 -13.93 31.92
C ALA B 126 10.72 -13.84 31.01
N THR B 131 23.17 -14.02 27.48
CA THR B 131 22.27 -13.23 28.32
C THR B 131 22.90 -11.91 28.73
N ARG B 132 24.02 -12.02 29.44
CA ARG B 132 24.65 -10.86 30.07
C ARG B 132 25.30 -9.97 29.03
N SER B 133 25.00 -8.67 29.10
CA SER B 133 24.84 -7.93 27.87
C SER B 133 25.34 -6.50 28.05
N ILE B 134 24.86 -5.63 27.17
CA ILE B 134 25.43 -4.32 26.91
C ILE B 134 24.29 -3.31 26.91
N VAL B 135 24.49 -2.21 27.62
CA VAL B 135 23.50 -1.14 27.72
C VAL B 135 24.00 0.03 26.88
N PHE B 136 23.12 0.62 26.07
CA PHE B 136 23.51 1.65 25.13
C PHE B 136 22.82 2.96 25.47
N ASP B 137 23.59 4.05 25.50
CA ASP B 137 23.02 5.37 25.77
C ASP B 137 22.17 5.87 24.61
N THR B 138 22.46 5.44 23.39
CA THR B 138 21.76 5.88 22.19
C THR B 138 21.42 4.66 21.36
N SER B 139 20.26 4.68 20.71
CA SER B 139 19.97 3.63 19.74
C SER B 139 20.95 3.64 18.59
N LEU B 140 21.58 4.77 18.32
CA LEU B 140 22.57 4.81 17.24
C LEU B 140 23.71 3.84 17.54
N ALA B 141 24.29 3.93 18.75
CA ALA B 141 25.35 3.00 19.10
C ALA B 141 24.83 1.56 19.08
N MET B 142 23.62 1.35 19.61
CA MET B 142 23.03 0.01 19.61
C MET B 142 22.89 -0.57 18.20
N LEU B 143 22.43 0.24 17.25
CA LEU B 143 22.21 -0.30 15.91
C LEU B 143 23.52 -0.61 15.19
N GLU B 144 24.59 0.14 15.48
CA GLU B 144 25.89 -0.15 14.88
C GLU B 144 26.48 -1.43 15.44
N ALA B 145 26.23 -1.73 16.72
CA ALA B 145 26.70 -3.02 17.24
C ALA B 145 25.91 -4.15 16.63
N ALA B 146 24.63 -3.91 16.29
CA ALA B 146 23.80 -4.98 15.73
C ALA B 146 24.24 -5.28 14.30
N ARG B 147 24.59 -4.26 13.54
CA ARG B 147 25.14 -4.47 12.21
C ARG B 147 26.42 -5.30 12.26
N GLN B 148 27.28 -5.04 13.27
CA GLN B 148 28.57 -5.73 13.41
C GLN B 148 28.46 -7.17 13.88
N GLY B 149 27.25 -7.66 14.17
CA GLY B 149 27.06 -9.00 14.68
C GLY B 149 27.22 -9.14 16.18
N VAL B 150 27.47 -8.05 16.90
CA VAL B 150 27.62 -8.15 18.35
C VAL B 150 26.35 -8.72 18.97
N GLY B 151 25.17 -8.34 18.48
CA GLY B 151 23.96 -8.80 19.16
C GLY B 151 22.68 -8.42 18.44
N VAL B 152 21.56 -8.62 19.16
CA VAL B 152 20.22 -8.34 18.68
C VAL B 152 19.69 -7.09 19.37
N ALA B 153 19.31 -6.08 18.58
CA ALA B 153 18.80 -4.81 19.09
C ALA B 153 17.28 -4.81 19.27
N LEU B 154 16.81 -3.91 20.15
CA LEU B 154 15.40 -3.55 20.31
C LEU B 154 15.33 -2.03 20.25
N ALA B 155 14.69 -1.49 19.22
CA ALA B 155 14.78 -0.08 18.90
C ALA B 155 13.63 0.29 17.97
N PRO B 156 13.34 1.59 17.78
CA PRO B 156 12.25 1.97 16.87
C PRO B 156 12.68 1.82 15.41
N ALA B 157 12.03 0.92 14.69
CA ALA B 157 12.37 0.70 13.29
C ALA B 157 12.18 1.95 12.45
N ALA B 158 11.24 2.82 12.84
CA ALA B 158 10.96 4.02 12.07
C ALA B 158 12.18 4.94 11.98
N MET B 159 13.09 4.86 12.94
CA MET B 159 14.28 5.71 12.96
C MET B 159 15.44 5.12 12.17
N PHE B 160 15.28 3.93 11.60
CA PHE B 160 16.35 3.27 10.85
C PHE B 160 15.85 2.79 9.51
N ALA B 161 15.03 3.62 8.86
CA ALA B 161 14.57 3.30 7.52
C ALA B 161 15.72 3.04 6.58
N ARG B 162 16.77 3.89 6.65
CA ARG B 162 17.92 3.73 5.75
C ARG B 162 18.52 2.35 5.85
N GLN B 163 18.76 1.87 7.07
CA GLN B 163 19.41 0.56 7.26
C GLN B 163 18.49 -0.58 6.87
N LEU B 164 17.18 -0.43 7.02
CA LEU B 164 16.28 -1.50 6.64
C LEU B 164 16.10 -1.57 5.12
N ALA B 165 16.02 -0.42 4.44
CA ALA B 165 15.82 -0.41 2.99
C ALA B 165 16.95 -1.14 2.26
N SER B 166 18.21 -0.88 2.66
CA SER B 166 19.36 -1.56 2.07
C SER B 166 19.54 -2.99 2.56
N GLU B 167 18.75 -3.41 3.55
CA GLU B 167 18.77 -4.74 4.14
C GLU B 167 20.05 -5.05 4.89
N SER B 168 20.91 -4.05 5.14
CA SER B 168 22.01 -4.29 6.06
C SER B 168 21.48 -4.58 7.47
N ILE B 169 20.26 -4.16 7.77
CA ILE B 169 19.58 -4.50 9.02
C ILE B 169 18.28 -5.22 8.69
N ARG B 170 17.96 -6.27 9.45
CA ARG B 170 16.74 -7.02 9.24
C ARG B 170 15.84 -6.92 10.46
N ARG B 171 14.54 -6.98 10.19
CA ARG B 171 13.50 -7.05 11.19
C ARG B 171 12.90 -8.47 11.17
N PRO B 172 13.36 -9.39 12.04
CA PRO B 172 12.89 -10.79 11.91
C PRO B 172 11.42 -10.99 12.25
N PHE B 173 10.86 -10.26 13.22
CA PHE B 173 9.52 -10.51 13.74
C PHE B 173 8.61 -9.30 13.54
N ALA B 174 7.30 -9.57 13.46
CA ALA B 174 6.34 -8.49 13.26
C ALA B 174 5.99 -7.78 14.57
N THR B 175 6.13 -8.49 15.70
CA THR B 175 5.78 -7.94 17.00
C THR B 175 6.50 -6.62 17.28
N GLU B 176 5.74 -5.65 17.78
CA GLU B 176 6.31 -4.41 18.27
C GLU B 176 5.63 -4.08 19.59
N VAL B 177 6.24 -3.17 20.36
CA VAL B 177 5.67 -2.77 21.65
C VAL B 177 5.86 -1.26 21.83
N SER B 178 4.78 -0.57 22.18
CA SER B 178 4.81 0.87 22.37
C SER B 178 5.15 1.16 23.82
N THR B 179 6.18 1.96 24.02
CA THR B 179 6.61 2.30 25.36
C THR B 179 6.75 3.80 25.54
N GLY B 180 6.71 4.57 24.48
CA GLY B 180 6.82 6.01 24.58
C GLY B 180 6.65 6.65 23.22
N SER B 181 6.66 7.96 23.22
CA SER B 181 6.49 8.79 22.05
C SER B 181 7.61 9.81 22.00
N TYR B 182 7.76 10.43 20.84
CA TYR B 182 8.61 11.60 20.72
C TYR B 182 7.76 12.86 20.95
N TRP B 183 8.34 13.83 21.64
CA TRP B 183 7.65 14.99 22.17
C TRP B 183 8.47 16.24 21.91
N LEU B 184 7.78 17.34 21.62
CA LEU B 184 8.40 18.66 21.54
C LEU B 184 8.11 19.36 22.86
N THR B 185 9.17 19.67 23.60
CA THR B 185 9.03 20.18 24.97
C THR B 185 9.59 21.58 25.07
N ARG B 186 9.06 22.35 26.00
CA ARG B 186 9.44 23.73 26.25
C ARG B 186 9.19 24.00 27.73
N LEU B 187 10.13 24.68 28.38
CA LEU B 187 9.87 25.10 29.76
C LEU B 187 8.69 26.05 29.77
N GLN B 188 7.68 25.73 30.61
CA GLN B 188 6.52 26.60 30.71
C GLN B 188 6.91 28.06 30.97
N SER B 189 8.16 28.28 31.42
CA SER B 189 8.61 29.59 31.86
C SER B 189 8.77 30.55 30.68
N ARG B 190 9.74 30.29 29.81
CA ARG B 190 10.11 31.26 28.80
C ARG B 190 9.11 31.32 27.66
N GLY B 191 9.01 32.50 27.05
CA GLY B 191 7.94 32.76 26.11
C GLY B 191 8.19 32.20 24.74
N GLU B 192 7.09 31.88 24.06
CA GLU B 192 7.15 31.36 22.70
C GLU B 192 7.51 32.48 21.76
N THR B 193 8.69 32.37 21.18
CA THR B 193 9.17 33.30 20.19
C THR B 193 8.46 33.05 18.86
N SER B 194 8.53 34.04 17.97
CA SER B 194 7.92 33.88 16.65
C SER B 194 8.64 32.79 15.83
N ALA B 195 9.98 32.78 15.86
CA ALA B 195 10.70 31.66 15.24
C ALA B 195 10.25 30.32 15.81
N MET B 196 10.04 30.26 17.14
CA MET B 196 9.52 29.06 17.78
C MET B 196 8.17 28.65 17.20
N LEU B 197 7.22 29.60 17.11
CA LEU B 197 5.90 29.25 16.62
C LEU B 197 5.97 28.70 15.21
N ALA B 198 6.81 29.29 14.36
CA ALA B 198 6.93 28.80 13.00
C ALA B 198 7.51 27.38 12.97
N PHE B 199 8.56 27.13 13.77
CA PHE B 199 9.09 25.77 13.86
C PHE B 199 8.04 24.80 14.40
N ARG B 200 7.30 25.21 15.43
CA ARG B 200 6.26 24.38 16.02
C ARG B 200 5.22 23.97 15.00
N GLY B 201 4.71 24.94 14.23
CA GLY B 201 3.73 24.60 13.20
C GLY B 201 4.28 23.64 12.17
N TRP B 202 5.47 23.93 11.65
CA TRP B 202 6.06 23.11 10.60
C TRP B 202 6.31 21.69 11.09
N LEU B 203 6.84 21.55 12.31
CA LEU B 203 7.17 20.23 12.83
C LEU B 203 5.91 19.41 13.07
N LEU B 204 4.84 20.04 13.56
CA LEU B 204 3.61 19.31 13.82
C LEU B 204 3.01 18.81 12.50
N GLU B 205 3.08 19.62 11.45
CA GLU B 205 2.61 19.18 10.14
C GLU B 205 3.44 17.99 9.65
N MET B 206 4.77 18.09 9.73
CA MET B 206 5.61 16.98 9.28
C MET B 206 5.32 15.72 10.11
N ALA B 207 5.08 15.90 11.41
CA ALA B 207 4.80 14.75 12.29
C ALA B 207 3.44 14.11 11.99
N ALA B 208 2.43 14.90 11.61
CA ALA B 208 1.13 14.33 11.25
C ALA B 208 1.23 13.43 10.02
N VAL B 209 2.05 13.83 9.04
CA VAL B 209 2.26 12.99 7.86
C VAL B 209 2.82 11.65 8.27
N GLU B 210 3.73 11.65 9.26
CA GLU B 210 4.40 10.43 9.68
C GLU B 210 3.43 9.47 10.37
N ALA B 211 2.65 10.00 11.32
CA ALA B 211 1.67 9.17 12.03
C ALA B 211 0.63 8.61 11.07
N ARG B 212 0.12 9.48 10.20
CA ARG B 212 -0.78 9.05 9.12
C ARG B 212 -0.21 7.87 8.34
N GLY B 213 1.07 7.99 7.95
CA GLY B 213 1.70 6.95 7.14
C GLY B 213 1.75 5.60 7.81
N ARG B 214 1.86 5.57 9.14
CA ARG B 214 1.92 4.28 9.84
C ARG B 214 0.59 3.53 9.73
N LEU B 215 -0.53 4.24 9.93
CA LEU B 215 -1.83 3.62 9.68
C LEU B 215 -1.95 3.21 8.21
N GLU B 216 -1.68 4.14 7.30
CA GLU B 216 -1.71 3.87 5.85
C GLU B 216 -0.75 2.77 5.44
N ASP C 12 -16.20 14.08 -37.29
CA ASP C 12 -17.59 13.69 -37.34
C ASP C 12 -18.09 13.29 -35.94
N VAL C 13 -18.46 12.01 -35.77
CA VAL C 13 -18.74 11.43 -34.46
C VAL C 13 -17.69 10.36 -34.18
N LEU C 14 -17.60 9.95 -32.92
CA LEU C 14 -16.74 8.85 -32.49
C LEU C 14 -17.61 7.72 -31.95
N THR C 15 -17.48 6.52 -32.53
CA THR C 15 -18.28 5.36 -32.13
C THR C 15 -17.38 4.30 -31.52
N VAL C 16 -17.60 4.00 -30.24
CA VAL C 16 -16.86 2.97 -29.53
C VAL C 16 -17.88 1.96 -29.01
N GLY C 17 -17.71 0.68 -29.38
CA GLY C 17 -18.42 -0.40 -28.76
C GLY C 17 -17.49 -1.16 -27.81
N ALA C 18 -17.91 -1.28 -26.55
CA ALA C 18 -17.08 -1.93 -25.53
C ALA C 18 -17.86 -3.07 -24.87
N VAL C 19 -17.12 -4.10 -24.43
CA VAL C 19 -17.77 -5.21 -23.75
C VAL C 19 -18.40 -4.69 -22.46
N GLY C 20 -19.63 -5.17 -22.19
CA GLY C 20 -20.46 -4.56 -21.17
C GLY C 20 -19.84 -4.57 -19.79
N THR C 21 -19.23 -5.69 -19.41
CA THR C 21 -18.61 -5.80 -18.09
C THR C 21 -17.57 -4.71 -17.89
N PHE C 22 -16.67 -4.57 -18.87
CA PHE C 22 -15.64 -3.55 -18.87
C PHE C 22 -16.25 -2.16 -18.83
N THR C 23 -17.37 -1.95 -19.53
CA THR C 23 -17.96 -0.63 -19.66
C THR C 23 -18.43 -0.10 -18.30
N VAL C 24 -19.22 -0.89 -17.57
CA VAL C 24 -19.80 -0.41 -16.33
C VAL C 24 -18.89 -0.63 -15.14
N GLY C 25 -17.97 -1.59 -15.20
CA GLY C 25 -17.04 -1.77 -14.11
C GLY C 25 -15.84 -0.85 -14.14
N TRP C 26 -15.51 -0.24 -15.30
CA TRP C 26 -14.27 0.52 -15.43
C TRP C 26 -14.35 1.79 -16.29
N LEU C 27 -14.85 1.67 -17.53
CA LEU C 27 -14.76 2.79 -18.48
C LEU C 27 -15.70 3.94 -18.12
N LEU C 28 -16.99 3.64 -17.86
CA LEU C 28 -17.96 4.69 -17.57
C LEU C 28 -17.61 5.55 -16.37
N PRO C 29 -17.12 5.03 -15.24
CA PRO C 29 -16.64 5.92 -14.18
C PRO C 29 -15.60 6.93 -14.65
N ARG C 30 -14.80 6.58 -15.66
CA ARG C 30 -13.70 7.44 -16.07
C ARG C 30 -14.03 8.35 -17.24
N LEU C 31 -15.19 8.18 -17.88
CA LEU C 31 -15.46 8.88 -19.15
C LEU C 31 -15.68 10.38 -18.98
N GLU C 32 -16.19 10.82 -17.83
CA GLU C 32 -16.36 12.27 -17.65
C GLU C 32 -15.04 13.00 -17.80
N ASP C 33 -13.95 12.39 -17.33
CA ASP C 33 -12.63 12.98 -17.56
C ASP C 33 -12.38 13.19 -19.05
N PHE C 34 -12.76 12.22 -19.88
CA PHE C 34 -12.51 12.34 -21.31
C PHE C 34 -13.40 13.42 -21.91
N GLN C 35 -14.69 13.39 -21.59
CA GLN C 35 -15.62 14.38 -22.13
C GLN C 35 -15.27 15.79 -21.68
N ALA C 36 -14.69 15.94 -20.50
CA ALA C 36 -14.26 17.27 -20.07
C ALA C 36 -13.03 17.73 -20.85
N ARG C 37 -12.01 16.88 -20.98
CA ARG C 37 -10.80 17.25 -21.67
C ARG C 37 -10.96 17.29 -23.19
N HIS C 38 -12.11 16.89 -23.73
CA HIS C 38 -12.36 16.95 -25.17
C HIS C 38 -13.82 17.26 -25.41
N PRO C 39 -14.23 18.50 -25.13
CA PRO C 39 -15.67 18.83 -25.20
C PRO C 39 -16.26 18.82 -26.60
N PHE C 40 -15.46 18.74 -27.67
CA PHE C 40 -16.03 18.79 -29.02
C PHE C 40 -16.16 17.43 -29.68
N ILE C 41 -15.72 16.36 -29.02
CA ILE C 41 -15.90 15.02 -29.55
C ILE C 41 -17.28 14.54 -29.12
N ASP C 42 -18.08 14.12 -30.11
CA ASP C 42 -19.39 13.51 -29.88
C ASP C 42 -19.16 12.01 -29.80
N LEU C 43 -19.07 11.49 -28.59
CA LEU C 43 -18.80 10.07 -28.37
C LEU C 43 -20.12 9.33 -28.31
N ARG C 44 -20.28 8.32 -29.17
CA ARG C 44 -21.42 7.38 -29.11
C ARG C 44 -20.92 6.04 -28.59
N LEU C 45 -21.09 5.81 -27.31
CA LEU C 45 -20.67 4.56 -26.70
C LEU C 45 -21.81 3.53 -26.73
N SER C 46 -21.48 2.31 -27.12
CA SER C 46 -22.40 1.19 -27.00
C SER C 46 -21.67 0.01 -26.39
N THR C 47 -22.44 -0.94 -25.89
CA THR C 47 -21.88 -2.14 -25.29
C THR C 47 -22.23 -3.36 -26.14
N HIS C 48 -21.45 -4.43 -25.92
CA HIS C 48 -21.69 -5.70 -26.59
C HIS C 48 -21.24 -6.80 -25.63
N ASN C 49 -21.37 -8.05 -26.05
CA ASN C 49 -21.04 -9.20 -25.20
C ASN C 49 -19.81 -9.95 -25.69
N ASN C 50 -18.84 -9.23 -26.28
CA ASN C 50 -17.55 -9.64 -26.77
C ASN C 50 -17.58 -10.36 -28.13
N ARG C 51 -18.73 -10.74 -28.64
CA ARG C 51 -18.80 -11.27 -30.00
C ARG C 51 -19.50 -10.25 -30.87
N VAL C 52 -18.72 -9.61 -31.73
CA VAL C 52 -19.16 -8.40 -32.39
C VAL C 52 -18.44 -8.32 -33.73
N ASP C 53 -19.21 -7.95 -34.75
CA ASP C 53 -18.71 -7.64 -36.08
C ASP C 53 -18.55 -6.12 -36.16
N ILE C 54 -17.28 -5.69 -36.07
CA ILE C 54 -16.91 -4.28 -35.91
C ILE C 54 -17.42 -3.46 -37.11
N ALA C 55 -17.32 -4.01 -38.32
CA ALA C 55 -17.78 -3.28 -39.50
C ALA C 55 -19.31 -3.17 -39.57
N ALA C 56 -20.03 -4.29 -39.35
CA ALA C 56 -21.49 -4.26 -39.37
C ALA C 56 -22.08 -3.38 -38.26
N GLU C 57 -21.31 -3.11 -37.22
CA GLU C 57 -21.75 -2.16 -36.20
C GLU C 57 -21.22 -0.75 -36.46
N GLY C 58 -20.40 -0.56 -37.49
CA GLY C 58 -19.93 0.79 -37.81
C GLY C 58 -19.15 1.44 -36.69
N LEU C 59 -18.31 0.67 -36.00
CA LEU C 59 -17.53 1.18 -34.89
C LEU C 59 -16.21 1.68 -35.44
N ASP C 60 -15.76 2.83 -34.90
CA ASP C 60 -14.36 3.21 -35.08
C ASP C 60 -13.47 2.26 -34.28
N TYR C 61 -13.81 2.05 -33.01
CA TYR C 61 -13.07 1.22 -32.10
C TYR C 61 -14.01 0.22 -31.41
N ALA C 62 -13.47 -0.95 -31.10
CA ALA C 62 -14.16 -1.93 -30.27
C ALA C 62 -13.23 -2.32 -29.13
N ILE C 63 -13.73 -2.29 -27.91
CA ILE C 63 -12.97 -2.79 -26.76
C ILE C 63 -13.46 -4.20 -26.46
N ARG C 64 -12.53 -5.16 -26.46
CA ARG C 64 -12.89 -6.57 -26.36
C ARG C 64 -11.94 -7.29 -25.43
N PHE C 65 -12.43 -8.39 -24.84
CA PHE C 65 -11.60 -9.29 -24.06
C PHE C 65 -11.10 -10.44 -24.93
N GLY C 66 -9.82 -10.76 -24.82
CA GLY C 66 -9.27 -11.94 -25.47
C GLY C 66 -7.76 -12.01 -25.55
N GLY C 67 -7.26 -12.60 -26.64
CA GLY C 67 -5.84 -12.66 -26.89
C GLY C 67 -5.29 -11.72 -27.96
N GLY C 68 -6.11 -10.78 -28.44
CA GLY C 68 -5.58 -9.75 -29.31
C GLY C 68 -5.19 -10.16 -30.71
N ALA C 69 -5.55 -11.36 -31.14
CA ALA C 69 -5.10 -11.88 -32.43
C ALA C 69 -6.24 -12.00 -33.45
N TRP C 70 -7.24 -11.12 -33.37
CA TRP C 70 -8.33 -11.10 -34.35
C TRP C 70 -7.85 -10.62 -35.71
N HIS C 71 -8.40 -11.22 -36.78
CA HIS C 71 -7.90 -10.96 -38.12
C HIS C 71 -8.46 -9.66 -38.70
N GLY C 72 -7.61 -8.95 -39.43
CA GLY C 72 -8.00 -7.68 -40.03
C GLY C 72 -7.98 -6.50 -39.08
N THR C 73 -7.47 -6.69 -37.88
CA THR C 73 -7.69 -5.79 -36.77
C THR C 73 -6.36 -5.44 -36.13
N GLU C 74 -6.14 -4.14 -35.89
CA GLU C 74 -5.03 -3.71 -35.08
C GLU C 74 -5.50 -3.67 -33.63
N ALA C 75 -4.86 -4.46 -32.77
CA ALA C 75 -5.27 -4.59 -31.38
C ALA C 75 -4.18 -4.00 -30.47
N LEU C 76 -4.56 -3.06 -29.61
CA LEU C 76 -3.67 -2.44 -28.64
C LEU C 76 -4.07 -2.90 -27.25
N ALA C 77 -3.13 -3.44 -26.49
CA ALA C 77 -3.49 -4.02 -25.20
C ALA C 77 -3.76 -2.93 -24.17
N LEU C 78 -4.78 -3.14 -23.35
CA LEU C 78 -5.04 -2.23 -22.25
C LEU C 78 -4.40 -2.78 -20.97
N PHE C 79 -4.92 -3.89 -20.47
CA PHE C 79 -4.38 -4.54 -19.28
C PHE C 79 -4.98 -5.94 -19.20
N GLU C 80 -4.40 -6.74 -18.32
CA GLU C 80 -4.79 -8.12 -18.16
C GLU C 80 -6.00 -8.20 -17.22
N ALA C 81 -6.82 -9.22 -17.41
CA ALA C 81 -8.06 -9.35 -16.63
C ALA C 81 -8.12 -10.70 -15.94
N PRO C 82 -7.35 -10.92 -14.88
CA PRO C 82 -7.28 -12.25 -14.30
C PRO C 82 -8.53 -12.59 -13.49
N LEU C 83 -8.90 -13.87 -13.53
CA LEU C 83 -10.15 -14.39 -13.00
C LEU C 83 -9.94 -15.00 -11.62
N THR C 84 -10.90 -14.78 -10.72
CA THR C 84 -10.83 -15.40 -9.39
C THR C 84 -12.24 -15.80 -8.95
N VAL C 85 -12.31 -16.50 -7.82
CA VAL C 85 -13.60 -16.96 -7.32
C VAL C 85 -14.27 -15.84 -6.54
N LEU C 86 -15.54 -15.57 -6.84
CA LEU C 86 -16.35 -14.55 -6.16
C LEU C 86 -17.70 -15.14 -5.83
N CYS C 87 -18.20 -14.87 -4.63
CA CYS C 87 -19.42 -15.53 -4.17
C CYS C 87 -20.06 -14.69 -3.08
N CYS C 88 -21.25 -15.10 -2.66
CA CYS C 88 -21.99 -14.37 -1.65
C CYS C 88 -21.37 -14.62 -0.27
N PRO C 89 -21.64 -13.76 0.71
CA PRO C 89 -20.90 -13.86 2.00
C PRO C 89 -21.11 -15.17 2.74
N GLU C 90 -22.33 -15.71 2.76
CA GLU C 90 -22.57 -16.91 3.56
C GLU C 90 -21.81 -18.10 2.98
N VAL C 91 -21.81 -18.26 1.65
CA VAL C 91 -21.04 -19.33 1.04
C VAL C 91 -19.55 -19.07 1.21
N ALA C 92 -19.16 -17.79 1.24
CA ALA C 92 -17.75 -17.46 1.47
C ALA C 92 -17.28 -17.92 2.85
N ALA C 93 -18.19 -17.99 3.82
CA ALA C 93 -17.79 -18.47 5.14
C ALA C 93 -17.46 -19.97 5.11
N GLN C 94 -18.20 -20.74 4.31
CA GLN C 94 -17.98 -22.18 4.20
C GLN C 94 -16.82 -22.56 3.29
N LEU C 95 -16.12 -21.60 2.68
CA LEU C 95 -15.03 -21.91 1.76
C LEU C 95 -13.69 -21.70 2.47
N HIS C 96 -13.29 -22.71 3.24
CA HIS C 96 -12.04 -22.65 3.98
C HIS C 96 -10.83 -22.90 3.09
N SER C 97 -10.99 -23.73 2.07
CA SER C 97 -9.93 -24.08 1.13
C SER C 97 -10.58 -24.39 -0.20
N PRO C 98 -9.78 -24.44 -1.29
CA PRO C 98 -10.39 -24.65 -2.62
C PRO C 98 -11.04 -26.01 -2.80
N ALA C 99 -10.72 -26.99 -1.95
CA ALA C 99 -11.43 -28.26 -2.04
C ALA C 99 -12.90 -28.09 -1.70
N ASP C 100 -13.23 -27.11 -0.85
CA ASP C 100 -14.63 -26.84 -0.53
C ASP C 100 -15.44 -26.49 -1.76
N LEU C 101 -14.80 -26.09 -2.86
CA LEU C 101 -15.51 -25.78 -4.09
C LEU C 101 -16.18 -27.01 -4.69
N LEU C 102 -15.68 -28.21 -4.40
CA LEU C 102 -16.20 -29.42 -5.03
C LEU C 102 -17.66 -29.70 -4.66
N GLN C 103 -18.16 -29.11 -3.57
CA GLN C 103 -19.54 -29.30 -3.13
C GLN C 103 -20.44 -28.11 -3.48
N HIS C 104 -20.01 -27.20 -4.33
CA HIS C 104 -20.88 -26.10 -4.70
C HIS C 104 -21.17 -26.14 -6.19
N THR C 105 -22.25 -25.47 -6.56
CA THR C 105 -22.59 -25.25 -7.96
C THR C 105 -21.68 -24.16 -8.52
N LEU C 106 -21.03 -24.43 -9.65
CA LEU C 106 -20.04 -23.54 -10.24
C LEU C 106 -20.62 -22.87 -11.47
N LEU C 107 -20.73 -21.54 -11.44
CA LEU C 107 -21.17 -20.75 -12.59
C LEU C 107 -20.03 -20.58 -13.60
N ARG C 108 -20.34 -20.69 -14.89
CA ARG C 108 -19.36 -20.60 -15.96
C ARG C 108 -19.69 -19.46 -16.93
N SER C 109 -18.66 -18.99 -17.64
CA SER C 109 -18.90 -18.17 -18.82
C SER C 109 -18.94 -19.04 -20.07
N TYR C 110 -19.26 -18.40 -21.20
CA TYR C 110 -19.25 -19.10 -22.48
C TYR C 110 -17.85 -19.50 -22.91
N ARG C 111 -16.80 -19.00 -22.27
CA ARG C 111 -15.44 -19.51 -22.46
C ARG C 111 -15.28 -20.70 -21.55
N ALA C 112 -14.91 -21.85 -22.12
CA ALA C 112 -15.15 -23.13 -21.47
C ALA C 112 -14.00 -23.65 -20.61
N ASP C 113 -12.79 -23.11 -20.71
CA ASP C 113 -11.66 -23.73 -20.02
C ASP C 113 -11.20 -22.95 -18.80
N GLU C 114 -12.04 -22.06 -18.27
CA GLU C 114 -11.59 -21.21 -17.19
C GLU C 114 -11.55 -21.94 -15.86
N TRP C 115 -12.56 -22.74 -15.54
CA TRP C 115 -12.54 -23.42 -14.26
C TRP C 115 -11.41 -24.44 -14.16
N PRO C 116 -11.15 -25.25 -15.20
CA PRO C 116 -9.97 -26.14 -15.13
C PRO C 116 -8.68 -25.37 -14.87
N LEU C 117 -8.41 -24.31 -15.65
CA LEU C 117 -7.20 -23.51 -15.44
C LEU C 117 -7.12 -22.94 -14.03
N TRP C 118 -8.24 -22.45 -13.50
CA TRP C 118 -8.18 -21.94 -12.13
C TRP C 118 -7.89 -23.06 -11.14
N PHE C 119 -8.49 -24.23 -11.32
CA PHE C 119 -8.21 -25.36 -10.45
C PHE C 119 -6.72 -25.69 -10.48
N GLN C 120 -6.16 -25.84 -11.68
CA GLN C 120 -4.71 -25.98 -11.85
C GLN C 120 -3.94 -24.99 -11.00
N ALA C 121 -4.21 -23.69 -11.19
CA ALA C 121 -3.49 -22.65 -10.48
C ALA C 121 -3.66 -22.74 -8.96
N ALA C 122 -4.73 -23.40 -8.49
CA ALA C 122 -5.02 -23.49 -7.06
C ALA C 122 -4.45 -24.72 -6.39
N GLY C 123 -4.06 -25.75 -7.16
CA GLY C 123 -3.47 -26.96 -6.63
C GLY C 123 -4.21 -28.23 -7.01
N LEU C 124 -5.54 -28.16 -7.12
CA LEU C 124 -6.38 -29.33 -7.39
C LEU C 124 -6.24 -29.79 -8.83
N PRO C 125 -6.44 -31.07 -9.11
CA PRO C 125 -6.37 -31.56 -10.50
C PRO C 125 -7.70 -32.01 -11.11
N ALA C 126 -7.71 -32.16 -12.43
CA ALA C 126 -8.87 -32.70 -13.18
C ALA C 126 -10.13 -31.84 -12.99
N LEU C 130 -14.88 -31.89 -13.66
CA LEU C 130 -15.96 -31.42 -14.50
C LEU C 130 -16.81 -30.39 -13.75
N THR C 131 -17.69 -29.71 -14.49
CA THR C 131 -18.69 -28.81 -13.91
C THR C 131 -20.06 -29.06 -14.56
N ARG C 132 -20.26 -28.51 -15.76
CA ARG C 132 -21.54 -28.33 -16.45
C ARG C 132 -22.63 -27.82 -15.49
N SER C 133 -23.01 -26.58 -15.67
CA SER C 133 -23.92 -25.95 -14.73
C SER C 133 -24.74 -24.89 -15.45
N ILE C 134 -24.49 -23.62 -15.11
CA ILE C 134 -25.13 -22.52 -15.80
C ILE C 134 -24.05 -21.74 -16.54
N VAL C 135 -24.24 -21.58 -17.84
CA VAL C 135 -23.31 -20.84 -18.70
C VAL C 135 -23.86 -19.43 -18.88
N PHE C 136 -23.02 -18.44 -18.64
CA PHE C 136 -23.42 -17.04 -18.74
C PHE C 136 -22.70 -16.35 -19.89
N ASP C 137 -23.43 -15.46 -20.57
CA ASP C 137 -22.93 -14.70 -21.70
C ASP C 137 -22.09 -13.52 -21.24
N THR C 138 -22.38 -13.02 -20.05
CA THR C 138 -21.73 -11.83 -19.51
C THR C 138 -21.36 -12.12 -18.07
N SER C 139 -20.22 -11.57 -17.63
CA SER C 139 -19.88 -11.64 -16.20
C SER C 139 -20.91 -10.92 -15.35
N LEU C 140 -21.53 -9.86 -15.87
CA LEU C 140 -22.57 -9.16 -15.13
C LEU C 140 -23.66 -10.12 -14.65
N ALA C 141 -24.21 -10.92 -15.57
CA ALA C 141 -25.29 -11.80 -15.19
C ALA C 141 -24.80 -12.85 -14.20
N MET C 142 -23.59 -13.36 -14.42
CA MET C 142 -23.01 -14.37 -13.54
C MET C 142 -22.86 -13.85 -12.12
N LEU C 143 -22.42 -12.61 -11.97
CA LEU C 143 -22.21 -12.05 -10.64
C LEU C 143 -23.54 -11.84 -9.91
N GLU C 144 -24.58 -11.43 -10.65
CA GLU C 144 -25.89 -11.28 -10.01
C GLU C 144 -26.45 -12.61 -9.55
N ALA C 145 -26.13 -13.71 -10.26
CA ALA C 145 -26.61 -15.01 -9.79
C ALA C 145 -25.84 -15.44 -8.56
N ALA C 146 -24.54 -15.15 -8.52
CA ALA C 146 -23.72 -15.49 -7.35
C ALA C 146 -24.13 -14.66 -6.15
N ARG C 147 -24.37 -13.36 -6.36
CA ARG C 147 -24.95 -12.55 -5.29
C ARG C 147 -26.28 -13.13 -4.79
N GLN C 148 -27.03 -13.82 -5.65
CA GLN C 148 -28.28 -14.44 -5.21
C GLN C 148 -28.07 -15.80 -4.55
N GLY C 149 -26.85 -16.32 -4.57
CA GLY C 149 -26.58 -17.63 -4.02
C GLY C 149 -26.86 -18.79 -4.94
N VAL C 150 -27.07 -18.54 -6.23
CA VAL C 150 -27.23 -19.66 -7.17
C VAL C 150 -25.95 -20.49 -7.23
N GLY C 151 -24.80 -19.87 -7.05
CA GLY C 151 -23.55 -20.64 -7.14
C GLY C 151 -22.33 -19.76 -6.99
N VAL C 152 -21.17 -20.32 -7.35
CA VAL C 152 -19.87 -19.67 -7.19
C VAL C 152 -19.36 -19.23 -8.56
N ALA C 153 -19.02 -17.94 -8.67
CA ALA C 153 -18.60 -17.33 -9.92
C ALA C 153 -17.07 -17.27 -10.02
N LEU C 154 -16.59 -17.24 -11.27
CA LEU C 154 -15.19 -17.08 -11.62
C LEU C 154 -15.16 -15.93 -12.63
N ALA C 155 -14.74 -14.75 -12.17
CA ALA C 155 -14.85 -13.52 -12.93
C ALA C 155 -13.67 -12.62 -12.58
N PRO C 156 -13.38 -11.61 -13.40
CA PRO C 156 -12.29 -10.67 -13.07
C PRO C 156 -12.70 -9.72 -11.96
N ALA C 157 -12.03 -9.85 -10.80
CA ALA C 157 -12.36 -9.04 -9.63
C ALA C 157 -12.25 -7.54 -9.89
N ALA C 158 -11.34 -7.14 -10.77
CA ALA C 158 -11.09 -5.72 -10.98
C ALA C 158 -12.32 -5.00 -11.50
N MET C 159 -13.20 -5.72 -12.22
CA MET C 159 -14.43 -5.20 -12.79
C MET C 159 -15.58 -5.13 -11.79
N PHE C 160 -15.40 -5.63 -10.58
CA PHE C 160 -16.50 -5.70 -9.62
C PHE C 160 -16.09 -5.06 -8.31
N ALA C 161 -15.31 -3.97 -8.40
CA ALA C 161 -14.82 -3.24 -7.23
C ALA C 161 -15.97 -2.79 -6.33
N ARG C 162 -17.05 -2.27 -6.91
CA ARG C 162 -18.14 -1.72 -6.10
C ARG C 162 -18.77 -2.80 -5.23
N GLN C 163 -19.11 -3.95 -5.83
CA GLN C 163 -19.68 -5.07 -5.08
C GLN C 163 -18.71 -5.61 -4.02
N LEU C 164 -17.40 -5.51 -4.26
CA LEU C 164 -16.45 -6.02 -3.27
C LEU C 164 -16.23 -5.02 -2.12
N ALA C 165 -16.15 -3.72 -2.44
CA ALA C 165 -15.92 -2.73 -1.39
C ALA C 165 -17.08 -2.69 -0.41
N SER C 166 -18.28 -3.02 -0.86
CA SER C 166 -19.45 -3.08 0.01
C SER C 166 -19.60 -4.43 0.69
N GLU C 167 -18.79 -5.41 0.30
CA GLU C 167 -18.82 -6.76 0.85
C GLU C 167 -20.11 -7.52 0.53
N SER C 168 -20.89 -7.05 -0.44
CA SER C 168 -22.00 -7.88 -0.94
C SER C 168 -21.50 -9.04 -1.80
N ILE C 169 -20.24 -8.99 -2.26
CA ILE C 169 -19.54 -10.09 -2.90
C ILE C 169 -18.22 -10.28 -2.16
N ARG C 170 -17.79 -11.54 -2.00
CA ARG C 170 -16.54 -11.88 -1.35
C ARG C 170 -15.61 -12.60 -2.32
N ARG C 171 -14.31 -12.40 -2.10
CA ARG C 171 -13.24 -13.12 -2.76
C ARG C 171 -12.60 -14.03 -1.73
N PRO C 172 -12.96 -15.32 -1.65
CA PRO C 172 -12.42 -16.15 -0.57
C PRO C 172 -11.00 -16.63 -0.79
N PHE C 173 -10.43 -16.46 -1.98
CA PHE C 173 -9.16 -17.09 -2.30
C PHE C 173 -8.22 -16.10 -2.96
N ALA C 174 -6.92 -16.28 -2.69
CA ALA C 174 -5.90 -15.45 -3.32
C ALA C 174 -5.67 -15.85 -4.78
N THR C 175 -5.87 -17.13 -5.10
CA THR C 175 -5.54 -17.66 -6.41
C THR C 175 -6.30 -16.96 -7.52
N GLU C 176 -5.58 -16.50 -8.54
CA GLU C 176 -6.18 -15.94 -9.72
C GLU C 176 -5.47 -16.55 -10.93
N VAL C 177 -6.10 -16.45 -12.09
CA VAL C 177 -5.52 -17.01 -13.30
C VAL C 177 -5.88 -16.11 -14.48
N SER C 178 -4.91 -15.86 -15.34
CA SER C 178 -5.08 -14.96 -16.47
C SER C 178 -5.34 -15.79 -17.71
N THR C 179 -6.40 -15.45 -18.43
CA THR C 179 -6.74 -16.12 -19.67
C THR C 179 -6.77 -15.19 -20.86
N GLY C 180 -6.63 -13.89 -20.65
CA GLY C 180 -6.70 -12.91 -21.70
C GLY C 180 -6.66 -11.51 -21.12
N SER C 181 -6.74 -10.53 -22.01
CA SER C 181 -6.60 -9.14 -21.66
C SER C 181 -7.70 -8.34 -22.33
N TYR C 182 -7.83 -7.08 -21.95
CA TYR C 182 -8.70 -6.18 -22.67
C TYR C 182 -7.85 -5.43 -23.71
N TRP C 183 -8.44 -5.20 -24.88
CA TRP C 183 -7.76 -4.65 -26.04
C TRP C 183 -8.64 -3.57 -26.67
N LEU C 184 -7.99 -2.54 -27.21
CA LEU C 184 -8.66 -1.61 -28.12
C LEU C 184 -8.40 -2.10 -29.53
N THR C 185 -9.45 -2.39 -30.29
CA THR C 185 -9.29 -2.95 -31.62
C THR C 185 -9.84 -1.99 -32.68
N ARG C 186 -9.33 -2.11 -33.90
CA ARG C 186 -9.66 -1.22 -35.00
C ARG C 186 -9.43 -2.02 -36.27
N LEU C 187 -10.34 -1.90 -37.24
CA LEU C 187 -10.09 -2.56 -38.53
C LEU C 187 -8.92 -1.90 -39.21
N GLN C 188 -7.97 -2.73 -39.66
CA GLN C 188 -6.80 -2.20 -40.34
C GLN C 188 -7.20 -1.23 -41.44
N SER C 189 -8.36 -1.45 -42.07
CA SER C 189 -8.83 -0.65 -43.19
C SER C 189 -9.62 0.60 -42.79
N ARG C 190 -9.89 0.82 -41.51
CA ARG C 190 -10.63 2.00 -41.08
C ARG C 190 -9.65 3.13 -40.76
N GLY C 191 -9.91 4.31 -41.29
CA GLY C 191 -9.02 5.44 -41.09
C GLY C 191 -9.15 6.05 -39.70
N GLU C 192 -7.98 6.38 -39.12
CA GLU C 192 -7.92 6.99 -37.81
C GLU C 192 -8.24 8.47 -37.92
N THR C 193 -9.31 8.90 -37.29
CA THR C 193 -9.67 10.31 -37.25
C THR C 193 -8.94 11.00 -36.10
N SER C 194 -9.12 12.31 -36.01
CA SER C 194 -8.56 13.08 -34.90
C SER C 194 -9.23 12.72 -33.56
N ALA C 195 -10.55 12.50 -33.55
CA ALA C 195 -11.24 12.12 -32.31
C ALA C 195 -10.78 10.73 -31.84
N MET C 196 -10.58 9.80 -32.78
CA MET C 196 -10.05 8.47 -32.47
C MET C 196 -8.71 8.55 -31.76
N LEU C 197 -7.72 9.17 -32.42
CA LEU C 197 -6.40 9.35 -31.82
C LEU C 197 -6.47 9.98 -30.44
N ALA C 198 -7.34 10.98 -30.28
CA ALA C 198 -7.56 11.60 -28.97
C ALA C 198 -8.06 10.58 -27.95
N PHE C 199 -9.12 9.85 -28.29
CA PHE C 199 -9.63 8.82 -27.37
C PHE C 199 -8.57 7.77 -27.05
N ARG C 200 -7.81 7.36 -28.07
CA ARG C 200 -6.79 6.33 -27.89
C ARG C 200 -5.74 6.74 -26.86
N GLY C 201 -5.17 7.95 -27.02
CA GLY C 201 -4.15 8.39 -26.08
C GLY C 201 -4.68 8.47 -24.67
N TRP C 202 -5.92 8.95 -24.52
CA TRP C 202 -6.54 9.05 -23.21
C TRP C 202 -6.74 7.67 -22.59
N LEU C 203 -7.25 6.72 -23.38
CA LEU C 203 -7.52 5.38 -22.88
C LEU C 203 -6.24 4.68 -22.46
N LEU C 204 -5.19 4.80 -23.27
CA LEU C 204 -3.91 4.15 -22.96
C LEU C 204 -3.30 4.75 -21.70
N GLU C 205 -3.35 6.07 -21.56
CA GLU C 205 -2.92 6.69 -20.32
C GLU C 205 -3.69 6.14 -19.13
N MET C 206 -5.04 6.11 -19.26
CA MET C 206 -5.90 5.60 -18.20
C MET C 206 -5.61 4.12 -17.92
N ALA C 207 -5.43 3.32 -18.97
CA ALA C 207 -5.13 1.91 -18.80
C ALA C 207 -3.78 1.70 -18.12
N ALA C 208 -2.79 2.55 -18.43
CA ALA C 208 -1.47 2.42 -17.81
C ALA C 208 -1.55 2.60 -16.29
N VAL C 209 -2.34 3.57 -15.83
CA VAL C 209 -2.51 3.76 -14.40
C VAL C 209 -3.08 2.50 -13.74
N GLU C 210 -4.09 1.91 -14.37
CA GLU C 210 -4.69 0.68 -13.85
C GLU C 210 -3.67 -0.45 -13.74
N ALA C 211 -2.84 -0.64 -14.76
CA ALA C 211 -1.95 -1.80 -14.74
C ALA C 211 -0.85 -1.60 -13.72
N ARG C 212 -0.29 -0.39 -13.68
CA ARG C 212 0.59 0.04 -12.60
C ARG C 212 -0.02 -0.30 -11.23
N GLY C 213 -1.30 0.03 -11.03
CA GLY C 213 -1.91 -0.14 -9.71
C GLY C 213 -2.00 -1.59 -9.26
N ARG C 214 -2.25 -2.51 -10.20
CA ARG C 214 -2.38 -3.91 -9.82
C ARG C 214 -1.06 -4.51 -9.40
N LEU C 215 0.01 -3.97 -9.92
CA LEU C 215 1.29 -4.65 -9.91
C LEU C 215 2.31 -3.71 -9.28
N GLU C 216 2.32 -3.59 -7.96
CA GLU C 216 1.43 -4.24 -7.02
C GLU C 216 1.30 -3.19 -5.93
N HIS C 217 1.11 -1.94 -6.36
CA HIS C 217 1.28 -0.75 -5.52
C HIS C 217 0.94 -0.94 -4.03
N TYR D 10 -21.10 29.20 -10.88
CA TYR D 10 -21.40 29.73 -9.55
C TYR D 10 -20.54 29.04 -8.48
N ARG D 11 -21.03 29.04 -7.23
CA ARG D 11 -20.23 28.56 -6.11
C ARG D 11 -19.88 27.09 -6.25
N ASP D 12 -18.64 26.75 -5.86
CA ASP D 12 -18.14 25.38 -5.94
C ASP D 12 -18.88 24.47 -4.95
N VAL D 13 -19.45 23.39 -5.47
CA VAL D 13 -20.22 22.42 -4.69
C VAL D 13 -19.31 21.26 -4.33
N LEU D 14 -19.32 20.87 -3.06
CA LEU D 14 -18.56 19.74 -2.54
C LEU D 14 -19.54 18.83 -1.82
N THR D 15 -19.55 17.54 -2.15
CA THR D 15 -20.45 16.58 -1.53
C THR D 15 -19.67 15.59 -0.70
N VAL D 16 -19.94 15.55 0.61
CA VAL D 16 -19.21 14.70 1.54
C VAL D 16 -20.20 13.87 2.34
N GLY D 17 -20.00 12.56 2.32
CA GLY D 17 -20.75 11.62 3.14
C GLY D 17 -19.84 11.16 4.26
N ALA D 18 -20.39 11.03 5.45
CA ALA D 18 -19.62 10.55 6.60
C ALA D 18 -20.49 9.59 7.36
N VAL D 19 -19.87 8.57 7.97
CA VAL D 19 -20.63 7.69 8.84
C VAL D 19 -21.25 8.51 9.97
N GLY D 20 -22.44 8.09 10.39
CA GLY D 20 -23.23 8.90 11.31
C GLY D 20 -22.54 9.17 12.63
N THR D 21 -21.94 8.14 13.24
CA THR D 21 -21.39 8.35 14.58
C THR D 21 -20.22 9.31 14.51
N PHE D 22 -19.46 9.25 13.43
CA PHE D 22 -18.39 10.22 13.16
C PHE D 22 -18.96 11.61 12.89
N THR D 23 -20.09 11.69 12.21
CA THR D 23 -20.65 13.00 11.88
C THR D 23 -21.06 13.76 13.14
N VAL D 24 -21.87 13.13 14.00
CA VAL D 24 -22.33 13.86 15.18
C VAL D 24 -21.29 13.81 16.28
N GLY D 25 -20.50 12.73 16.38
CA GLY D 25 -19.52 12.61 17.43
C GLY D 25 -18.31 13.50 17.28
N TRP D 26 -18.00 13.94 16.05
CA TRP D 26 -16.70 14.56 15.79
C TRP D 26 -16.73 15.66 14.73
N LEU D 27 -17.33 15.39 13.56
CA LEU D 27 -17.23 16.32 12.43
C LEU D 27 -18.10 17.57 12.62
N LEU D 28 -19.37 17.41 13.08
CA LEU D 28 -20.24 18.59 13.17
C LEU D 28 -19.77 19.60 14.20
N PRO D 29 -19.27 19.20 15.38
CA PRO D 29 -18.66 20.19 16.30
C PRO D 29 -17.53 21.00 15.66
N ARG D 30 -16.92 20.53 14.59
CA ARG D 30 -15.80 21.21 13.99
C ARG D 30 -16.11 21.88 12.66
N LEU D 31 -17.25 21.58 12.04
CA LEU D 31 -17.49 22.00 10.66
C LEU D 31 -17.61 23.51 10.52
N GLU D 32 -18.01 24.21 11.58
CA GLU D 32 -18.17 25.65 11.41
C GLU D 32 -16.83 26.34 11.27
N ASP D 33 -15.75 25.71 11.77
CA ASP D 33 -14.42 26.24 11.50
C ASP D 33 -14.03 26.05 10.04
N PHE D 34 -14.48 24.96 9.39
CA PHE D 34 -14.21 24.81 7.96
C PHE D 34 -14.95 25.88 7.16
N GLN D 35 -16.22 26.16 7.49
CA GLN D 35 -16.93 27.18 6.72
C GLN D 35 -16.39 28.58 7.02
N ALA D 36 -15.89 28.80 8.23
CA ALA D 36 -15.26 30.08 8.56
C ALA D 36 -14.03 30.32 7.69
N ARG D 37 -13.24 29.29 7.44
CA ARG D 37 -12.03 29.42 6.65
C ARG D 37 -12.24 29.16 5.16
N HIS D 38 -13.38 28.62 4.76
CA HIS D 38 -13.70 28.44 3.34
C HIS D 38 -15.15 28.84 3.13
N PRO D 39 -15.43 30.13 3.09
CA PRO D 39 -16.82 30.58 3.16
C PRO D 39 -17.63 30.38 1.89
N PHE D 40 -17.00 30.37 0.71
CA PHE D 40 -17.75 30.30 -0.54
C PHE D 40 -17.85 28.89 -1.10
N ILE D 41 -17.39 27.88 -0.37
CA ILE D 41 -17.62 26.49 -0.75
C ILE D 41 -19.00 26.07 -0.26
N ASP D 42 -19.82 25.58 -1.18
CA ASP D 42 -21.15 25.05 -0.88
C ASP D 42 -21.01 23.57 -0.54
N LEU D 43 -20.97 23.26 0.76
CA LEU D 43 -20.79 21.89 1.23
C LEU D 43 -22.14 21.23 1.45
N ARG D 44 -22.35 20.09 0.81
CA ARG D 44 -23.52 19.24 1.06
C ARG D 44 -23.05 18.02 1.83
N LEU D 45 -23.41 17.98 3.10
CA LEU D 45 -23.05 16.89 3.99
C LEU D 45 -24.22 15.92 4.14
N SER D 46 -23.92 14.62 4.10
CA SER D 46 -24.91 13.58 4.39
C SER D 46 -24.26 12.51 5.26
N THR D 47 -25.09 11.71 5.92
CA THR D 47 -24.59 10.63 6.74
C THR D 47 -24.95 9.28 6.14
N HIS D 48 -24.15 8.26 6.49
N HIS D 48 -24.15 8.26 6.49
CA HIS D 48 -24.37 6.90 6.01
CA HIS D 48 -24.34 6.90 5.98
C HIS D 48 -24.01 5.92 7.13
C HIS D 48 -23.89 5.92 7.07
N ASN D 49 -24.08 4.63 6.83
CA ASN D 49 -23.92 3.60 7.86
C ASN D 49 -22.73 2.66 7.65
N ASN D 50 -21.67 3.10 6.97
CA ASN D 50 -20.41 2.40 6.81
C ASN D 50 -20.44 1.35 5.70
N ARG D 51 -21.60 0.99 5.18
CA ARG D 51 -21.68 0.37 3.86
C ARG D 51 -22.27 1.47 3.00
N VAL D 52 -21.37 2.22 2.36
CA VAL D 52 -21.70 3.44 1.65
C VAL D 52 -21.17 3.33 0.24
N ASP D 53 -21.99 3.76 -0.72
CA ASP D 53 -21.71 3.63 -2.14
C ASP D 53 -21.48 5.03 -2.71
N ILE D 54 -20.21 5.39 -2.86
CA ILE D 54 -19.84 6.75 -3.29
C ILE D 54 -20.55 7.12 -4.58
N ALA D 55 -20.48 6.24 -5.57
CA ALA D 55 -21.07 6.56 -6.88
C ALA D 55 -22.59 6.69 -6.78
N ALA D 56 -23.23 5.78 -6.05
CA ALA D 56 -24.70 5.78 -5.99
C ALA D 56 -25.23 7.01 -5.25
N GLU D 57 -24.46 7.52 -4.29
CA GLU D 57 -24.90 8.66 -3.50
C GLU D 57 -24.42 10.00 -4.04
N GLY D 58 -23.60 10.02 -5.10
CA GLY D 58 -23.10 11.27 -5.61
C GLY D 58 -22.04 11.97 -4.79
N LEU D 59 -21.28 11.24 -3.97
CA LEU D 59 -20.29 11.85 -3.09
C LEU D 59 -18.99 12.19 -3.84
N ASP D 60 -18.30 13.22 -3.35
CA ASP D 60 -16.90 13.44 -3.70
C ASP D 60 -15.98 12.65 -2.79
N TYR D 61 -16.20 12.73 -1.47
CA TYR D 61 -15.51 11.94 -0.47
C TYR D 61 -16.50 11.19 0.42
N ALA D 62 -16.06 10.05 0.95
CA ALA D 62 -16.79 9.34 1.99
C ALA D 62 -15.85 9.08 3.16
N ILE D 63 -16.23 9.53 4.33
CA ILE D 63 -15.48 9.21 5.54
C ILE D 63 -16.06 7.93 6.14
N ARG D 64 -15.20 6.97 6.44
CA ARG D 64 -15.72 5.69 6.93
C ARG D 64 -14.70 4.99 7.84
N PHE D 65 -15.18 3.96 8.54
CA PHE D 65 -14.41 3.22 9.53
C PHE D 65 -13.93 1.90 8.95
N GLY D 66 -12.66 1.56 9.18
CA GLY D 66 -12.18 0.21 8.96
C GLY D 66 -10.68 0.19 8.66
N GLY D 67 -10.31 -0.73 7.78
CA GLY D 67 -8.93 -1.03 7.51
C GLY D 67 -8.30 -0.29 6.35
N GLY D 68 -9.05 0.56 5.63
CA GLY D 68 -8.43 1.40 4.63
C GLY D 68 -8.20 0.74 3.27
N ALA D 69 -8.75 -0.45 3.04
CA ALA D 69 -8.52 -1.17 1.79
C ALA D 69 -9.81 -1.47 1.02
N TRP D 70 -10.63 -0.46 0.74
CA TRP D 70 -11.84 -0.68 -0.06
C TRP D 70 -11.52 -0.64 -1.55
N HIS D 71 -12.00 -1.64 -2.29
CA HIS D 71 -11.66 -1.80 -3.70
C HIS D 71 -12.14 -0.61 -4.52
N GLY D 72 -11.33 -0.21 -5.49
CA GLY D 72 -11.68 0.93 -6.31
C GLY D 72 -11.52 2.28 -5.63
N THR D 73 -11.00 2.30 -4.41
CA THR D 73 -10.96 3.48 -3.56
C THR D 73 -9.52 3.88 -3.24
N GLU D 74 -9.29 5.19 -3.13
CA GLU D 74 -8.10 5.76 -2.51
C GLU D 74 -8.45 6.30 -1.14
N ALA D 75 -7.72 5.89 -0.10
CA ALA D 75 -8.09 6.13 1.29
C ALA D 75 -6.94 6.77 2.06
N LEU D 76 -7.16 7.96 2.63
CA LEU D 76 -6.20 8.60 3.52
C LEU D 76 -6.59 8.41 4.98
N ALA D 77 -5.66 7.95 5.81
CA ALA D 77 -5.95 7.76 7.22
C ALA D 77 -6.16 9.10 7.92
N LEU D 78 -7.09 9.12 8.86
CA LEU D 78 -7.33 10.29 9.68
C LEU D 78 -6.80 10.04 11.10
N PHE D 79 -7.38 9.09 11.81
CA PHE D 79 -6.87 8.72 13.11
C PHE D 79 -7.48 7.40 13.51
N GLU D 80 -6.77 6.72 14.39
CA GLU D 80 -7.18 5.45 14.94
C GLU D 80 -8.30 5.67 15.96
N ALA D 81 -9.19 4.71 16.06
CA ALA D 81 -10.35 4.82 16.95
C ALA D 81 -10.52 3.49 17.68
N PRO D 82 -9.67 3.22 18.68
CA PRO D 82 -9.77 1.93 19.39
C PRO D 82 -11.11 1.79 20.08
N LEU D 83 -11.51 0.54 20.27
CA LEU D 83 -12.82 0.19 20.82
C LEU D 83 -12.70 -0.06 22.32
N THR D 84 -13.70 0.42 23.08
CA THR D 84 -13.74 0.15 24.51
C THR D 84 -15.17 -0.22 24.90
N VAL D 85 -15.31 -0.77 26.10
CA VAL D 85 -16.61 -1.12 26.65
C VAL D 85 -17.28 0.14 27.20
N LEU D 86 -18.56 0.33 26.84
CA LEU D 86 -19.34 1.47 27.31
C LEU D 86 -20.71 0.98 27.77
N CYS D 87 -21.25 1.60 28.82
CA CYS D 87 -22.52 1.12 29.39
C CYS D 87 -23.16 2.22 30.22
N CYS D 88 -24.34 1.93 30.73
CA CYS D 88 -25.13 2.88 31.52
C CYS D 88 -24.70 2.85 32.97
N PRO D 89 -25.17 3.81 33.77
CA PRO D 89 -24.78 3.83 35.20
C PRO D 89 -25.12 2.55 35.96
N GLU D 90 -26.39 2.11 35.94
CA GLU D 90 -26.76 0.90 36.68
C GLU D 90 -25.90 -0.29 36.30
N VAL D 91 -25.74 -0.52 35.00
CA VAL D 91 -24.91 -1.63 34.54
C VAL D 91 -23.48 -1.46 35.04
N ALA D 92 -22.94 -0.24 34.96
CA ALA D 92 -21.53 -0.03 35.30
C ALA D 92 -21.25 -0.31 36.77
N ALA D 93 -22.24 -0.12 37.64
CA ALA D 93 -22.10 -0.54 39.04
C ALA D 93 -21.81 -2.03 39.12
N GLN D 94 -22.62 -2.84 38.43
CA GLN D 94 -22.50 -4.29 38.48
C GLN D 94 -21.08 -4.77 38.22
N LEU D 95 -20.32 -4.09 37.37
CA LEU D 95 -19.09 -4.62 36.76
C LEU D 95 -17.86 -4.27 37.59
N HIS D 96 -17.11 -5.30 37.98
CA HIS D 96 -15.86 -5.14 38.74
C HIS D 96 -14.64 -5.73 38.06
N SER D 97 -14.83 -6.64 37.11
CA SER D 97 -13.74 -7.24 36.36
C SER D 97 -14.31 -7.72 35.05
N PRO D 98 -13.52 -7.75 33.97
CA PRO D 98 -14.05 -8.17 32.66
C PRO D 98 -14.88 -9.44 32.70
N ALA D 99 -14.58 -10.35 33.62
CA ALA D 99 -15.30 -11.61 33.69
C ALA D 99 -16.78 -11.41 33.95
N ASP D 100 -17.16 -10.34 34.65
CA ASP D 100 -18.57 -10.07 34.91
C ASP D 100 -19.34 -9.74 33.63
N LEU D 101 -18.65 -9.32 32.56
CA LEU D 101 -19.32 -9.04 31.30
C LEU D 101 -20.08 -10.24 30.78
N LEU D 102 -19.67 -11.46 31.16
CA LEU D 102 -20.25 -12.65 30.56
C LEU D 102 -21.71 -12.88 30.98
N GLN D 103 -22.27 -12.09 31.89
CA GLN D 103 -23.67 -12.20 32.27
C GLN D 103 -24.47 -10.97 31.86
N HIS D 104 -24.08 -10.34 30.75
CA HIS D 104 -24.81 -9.24 30.16
C HIS D 104 -24.96 -9.51 28.67
N THR D 105 -26.06 -9.01 28.12
CA THR D 105 -26.17 -8.98 26.66
C THR D 105 -25.03 -8.17 26.09
N LEU D 106 -24.38 -8.70 25.07
CA LEU D 106 -23.26 -8.03 24.41
C LEU D 106 -23.78 -7.39 23.12
N LEU D 107 -23.84 -6.06 23.12
CA LEU D 107 -24.24 -5.33 21.93
C LEU D 107 -23.07 -5.25 20.96
N ARG D 108 -23.27 -5.68 19.72
CA ARG D 108 -22.16 -5.69 18.78
C ARG D 108 -22.56 -5.07 17.45
N SER D 109 -21.54 -4.85 16.62
CA SER D 109 -21.73 -4.41 15.25
C SER D 109 -21.62 -5.62 14.33
N TYR D 110 -21.81 -5.37 13.03
N TYR D 110 -21.82 -5.39 13.04
CA TYR D 110 -21.72 -6.44 12.03
CA TYR D 110 -21.73 -6.51 12.11
C TYR D 110 -20.32 -6.99 11.90
C TYR D 110 -20.31 -7.02 11.91
N ARG D 111 -19.30 -6.30 12.41
CA ARG D 111 -17.91 -6.77 12.38
C ARG D 111 -17.72 -7.68 13.58
N ALA D 112 -17.87 -8.99 13.36
CA ALA D 112 -18.20 -9.93 14.43
C ALA D 112 -17.02 -10.31 15.34
N ASP D 113 -15.78 -10.06 14.95
CA ASP D 113 -14.66 -10.48 15.79
C ASP D 113 -14.17 -9.37 16.74
N GLU D 114 -14.95 -8.30 16.92
CA GLU D 114 -14.52 -7.20 17.79
C GLU D 114 -14.55 -7.62 19.26
N TRP D 115 -15.65 -8.21 19.72
CA TRP D 115 -15.69 -8.68 21.11
C TRP D 115 -14.61 -9.73 21.41
N PRO D 116 -14.36 -10.76 20.59
CA PRO D 116 -13.24 -11.66 20.90
C PRO D 116 -11.90 -10.96 20.94
N LEU D 117 -11.67 -10.01 20.04
CA LEU D 117 -10.43 -9.25 20.11
C LEU D 117 -10.34 -8.45 21.40
N TRP D 118 -11.46 -7.89 21.86
CA TRP D 118 -11.36 -7.11 23.08
C TRP D 118 -11.24 -8.00 24.32
N PHE D 119 -11.88 -9.17 24.31
CA PHE D 119 -11.72 -10.08 25.44
C PHE D 119 -10.27 -10.52 25.59
N GLN D 120 -9.67 -10.91 24.46
CA GLN D 120 -8.30 -11.41 24.49
C GLN D 120 -7.34 -10.32 24.94
N ALA D 121 -7.47 -9.12 24.37
CA ALA D 121 -6.71 -7.97 24.86
C ALA D 121 -6.95 -7.68 26.34
N ALA D 122 -8.02 -8.23 26.93
CA ALA D 122 -8.30 -8.04 28.34
C ALA D 122 -7.82 -9.21 29.20
N GLY D 123 -7.28 -10.26 28.58
CA GLY D 123 -6.80 -11.44 29.28
C GLY D 123 -7.78 -12.59 29.30
N LEU D 124 -9.04 -12.34 28.98
CA LEU D 124 -10.05 -13.40 28.98
C LEU D 124 -9.97 -14.23 27.70
N PRO D 125 -10.54 -15.43 27.72
CA PRO D 125 -10.68 -16.19 26.46
C PRO D 125 -12.04 -15.99 25.80
N ALA D 126 -12.02 -15.68 24.49
CA ALA D 126 -13.21 -15.62 23.63
C ALA D 126 -12.81 -15.33 22.19
N ARG D 132 -25.35 -11.48 24.67
CA ARG D 132 -25.58 -12.56 23.71
C ARG D 132 -26.48 -12.05 22.60
N SER D 133 -25.83 -11.58 21.53
CA SER D 133 -26.42 -11.19 20.25
C SER D 133 -26.87 -9.73 20.24
N ILE D 134 -27.89 -9.43 19.46
CA ILE D 134 -28.22 -8.09 18.98
C ILE D 134 -27.05 -7.46 18.23
N VAL D 135 -27.25 -7.20 16.94
CA VAL D 135 -26.23 -6.67 16.04
C VAL D 135 -26.71 -5.33 15.52
N PHE D 136 -25.83 -4.33 15.60
CA PHE D 136 -26.21 -2.96 15.27
C PHE D 136 -25.48 -2.49 14.01
N ASP D 137 -26.22 -1.84 13.13
CA ASP D 137 -25.65 -1.24 11.93
C ASP D 137 -24.86 0.03 12.25
N THR D 138 -25.20 0.74 13.33
CA THR D 138 -24.55 2.00 13.71
C THR D 138 -24.28 1.98 15.20
N SER D 139 -23.13 2.55 15.59
CA SER D 139 -22.81 2.68 17.01
C SER D 139 -23.73 3.66 17.72
N LEU D 140 -24.34 4.59 16.98
CA LEU D 140 -25.37 5.44 17.57
C LEU D 140 -26.52 4.60 18.09
N ALA D 141 -27.02 3.68 17.28
CA ALA D 141 -28.07 2.79 17.75
C ALA D 141 -27.56 1.97 18.92
N MET D 142 -26.32 1.49 18.82
CA MET D 142 -25.75 0.65 19.86
C MET D 142 -25.63 1.40 21.19
N LEU D 143 -25.27 2.69 21.13
CA LEU D 143 -25.14 3.41 22.39
C LEU D 143 -26.50 3.74 23.00
N GLU D 144 -27.51 4.02 22.18
CA GLU D 144 -28.84 4.28 22.73
C GLU D 144 -29.41 3.04 23.43
N ALA D 145 -29.14 1.85 22.89
CA ALA D 145 -29.50 0.62 23.59
C ALA D 145 -28.70 0.45 24.88
N ALA D 146 -27.42 0.85 24.85
CA ALA D 146 -26.59 0.82 26.05
C ALA D 146 -27.16 1.73 27.14
N ARG D 147 -27.51 2.98 26.78
CA ARG D 147 -27.98 3.93 27.78
C ARG D 147 -29.26 3.45 28.47
N GLN D 148 -30.09 2.68 27.76
CA GLN D 148 -31.33 2.12 28.30
C GLN D 148 -31.13 0.78 29.00
N GLY D 149 -29.88 0.33 29.20
CA GLY D 149 -29.61 -0.88 29.96
C GLY D 149 -29.86 -2.19 29.23
N VAL D 150 -29.98 -2.17 27.90
CA VAL D 150 -30.22 -3.41 27.15
C VAL D 150 -29.01 -4.31 27.19
N GLY D 151 -27.81 -3.75 27.29
CA GLY D 151 -26.61 -4.56 27.30
C GLY D 151 -25.35 -3.71 27.41
N VAL D 152 -24.22 -4.33 27.10
CA VAL D 152 -22.91 -3.70 27.16
C VAL D 152 -22.41 -3.44 25.73
N ALA D 153 -22.04 -2.20 25.45
CA ALA D 153 -21.57 -1.85 24.12
C ALA D 153 -20.04 -1.90 24.00
N LEU D 154 -19.57 -2.08 22.77
CA LEU D 154 -18.15 -2.03 22.41
C LEU D 154 -18.00 -1.13 21.19
N ALA D 155 -17.41 0.05 21.40
CA ALA D 155 -17.50 1.13 20.42
C ALA D 155 -16.35 2.09 20.68
N PRO D 156 -16.13 3.08 19.79
CA PRO D 156 -15.02 4.02 19.98
C PRO D 156 -15.33 5.11 21.02
N ALA D 157 -14.61 5.07 22.14
CA ALA D 157 -14.75 6.09 23.19
C ALA D 157 -14.57 7.52 22.65
N ALA D 158 -13.67 7.69 21.70
CA ALA D 158 -13.44 9.02 21.13
C ALA D 158 -14.71 9.59 20.50
N MET D 159 -15.63 8.76 20.07
CA MET D 159 -16.82 9.24 19.40
C MET D 159 -17.98 9.55 20.35
N PHE D 160 -17.89 9.19 21.63
CA PHE D 160 -18.96 9.49 22.58
C PHE D 160 -18.42 10.30 23.75
N ALA D 161 -17.74 11.39 23.39
CA ALA D 161 -16.96 12.14 24.37
C ALA D 161 -17.83 12.96 25.29
N ARG D 162 -18.87 13.62 24.75
CA ARG D 162 -19.70 14.40 25.64
C ARG D 162 -20.53 13.48 26.53
N GLN D 163 -21.07 12.39 25.96
CA GLN D 163 -21.79 11.43 26.79
C GLN D 163 -20.91 10.91 27.92
N LEU D 164 -19.61 10.73 27.66
CA LEU D 164 -18.74 10.26 28.72
C LEU D 164 -18.45 11.37 29.72
N ALA D 165 -18.24 12.58 29.23
CA ALA D 165 -17.95 13.73 30.09
C ALA D 165 -19.16 14.07 30.94
N SER D 166 -20.36 14.04 30.37
CA SER D 166 -21.55 14.28 31.15
C SER D 166 -21.88 13.12 32.07
N GLU D 167 -21.12 12.02 31.97
CA GLU D 167 -21.37 10.78 32.73
C GLU D 167 -22.75 10.19 32.43
N SER D 168 -23.31 10.54 31.27
CA SER D 168 -24.53 9.89 30.77
C SER D 168 -24.30 8.40 30.49
N ILE D 169 -23.09 8.04 30.09
CA ILE D 169 -22.67 6.65 29.99
C ILE D 169 -21.28 6.54 30.59
N ARG D 170 -20.87 5.31 30.86
CA ARG D 170 -19.68 5.05 31.65
C ARG D 170 -18.72 4.16 30.88
N ARG D 171 -17.44 4.30 31.20
CA ARG D 171 -16.39 3.41 30.72
C ARG D 171 -15.82 2.64 31.89
N PRO D 172 -16.25 1.39 32.13
CA PRO D 172 -15.83 0.70 33.35
C PRO D 172 -14.41 0.16 33.34
N PHE D 173 -13.78 -0.03 32.18
CA PHE D 173 -12.48 -0.68 32.10
C PHE D 173 -11.51 0.14 31.24
N ALA D 174 -10.22 -0.08 31.51
CA ALA D 174 -9.19 0.66 30.80
C ALA D 174 -8.83 0.00 29.47
N THR D 175 -8.99 -1.32 29.36
CA THR D 175 -8.59 -2.04 28.15
C THR D 175 -9.30 -1.50 26.91
N GLU D 176 -8.50 -1.18 25.89
CA GLU D 176 -8.90 -0.84 24.52
C GLU D 176 -8.38 -1.90 23.57
N VAL D 177 -8.90 -1.91 22.35
CA VAL D 177 -8.32 -2.75 21.30
C VAL D 177 -8.42 -1.99 19.99
N SER D 178 -7.36 -2.08 19.19
CA SER D 178 -7.25 -1.36 17.93
C SER D 178 -7.68 -2.29 16.81
N THR D 179 -8.85 -2.03 16.23
CA THR D 179 -9.34 -2.83 15.12
C THR D 179 -9.52 -2.04 13.82
N GLY D 180 -9.32 -0.73 13.83
CA GLY D 180 -9.53 0.04 12.62
C GLY D 180 -9.43 1.52 12.91
N SER D 181 -9.49 2.29 11.82
CA SER D 181 -9.29 3.73 11.81
C SER D 181 -10.41 4.38 11.03
N TYR D 182 -10.49 5.71 11.14
CA TYR D 182 -11.35 6.49 10.26
C TYR D 182 -10.51 7.01 9.10
N TRP D 183 -11.09 6.95 7.90
CA TRP D 183 -10.40 7.22 6.65
C TRP D 183 -11.21 8.20 5.82
N LEU D 184 -10.51 9.03 5.07
CA LEU D 184 -11.15 9.84 4.04
C LEU D 184 -10.95 9.14 2.69
N THR D 185 -12.04 8.68 2.08
CA THR D 185 -11.93 7.91 0.86
C THR D 185 -12.56 8.65 -0.31
N ARG D 186 -12.11 8.30 -1.50
CA ARG D 186 -12.66 8.75 -2.76
C ARG D 186 -12.45 7.64 -3.78
N LEU D 187 -13.19 7.70 -4.90
CA LEU D 187 -13.05 6.69 -5.94
C LEU D 187 -11.81 7.00 -6.80
N GLN D 188 -11.01 5.96 -7.07
CA GLN D 188 -9.80 6.15 -7.89
C GLN D 188 -10.13 6.74 -9.25
N SER D 189 -11.29 6.39 -9.81
CA SER D 189 -11.76 6.86 -11.10
C SER D 189 -12.09 8.35 -11.13
N ARG D 190 -11.92 9.08 -10.04
CA ARG D 190 -12.38 10.47 -9.98
C ARG D 190 -11.31 11.38 -9.46
N GLY D 191 -10.97 12.42 -10.23
CA GLY D 191 -9.97 13.37 -9.80
C GLY D 191 -10.50 14.35 -8.76
N GLU D 192 -9.57 14.94 -8.03
CA GLU D 192 -9.93 15.84 -6.93
C GLU D 192 -10.06 17.27 -7.44
N THR D 193 -11.13 17.93 -7.02
CA THR D 193 -11.40 19.32 -7.39
C THR D 193 -10.76 20.27 -6.38
N SER D 194 -10.82 21.57 -6.68
CA SER D 194 -10.28 22.59 -5.77
C SER D 194 -10.99 22.56 -4.42
N ALA D 195 -12.32 22.47 -4.42
CA ALA D 195 -13.04 22.40 -3.15
C ALA D 195 -12.67 21.14 -2.38
N MET D 196 -12.45 20.04 -3.11
CA MET D 196 -12.06 18.79 -2.45
C MET D 196 -10.73 18.93 -1.73
N LEU D 197 -9.74 19.52 -2.40
CA LEU D 197 -8.40 19.64 -1.81
C LEU D 197 -8.40 20.59 -0.63
N ALA D 198 -9.24 21.62 -0.67
CA ALA D 198 -9.40 22.51 0.49
C ALA D 198 -9.97 21.75 1.68
N PHE D 199 -11.06 20.99 1.44
CA PHE D 199 -11.63 20.18 2.52
C PHE D 199 -10.63 19.15 3.02
N ARG D 200 -9.90 18.51 2.10
CA ARG D 200 -8.91 17.51 2.49
C ARG D 200 -7.82 18.10 3.40
N GLY D 201 -7.28 19.26 3.03
CA GLY D 201 -6.25 19.86 3.86
C GLY D 201 -6.76 20.28 5.23
N TRP D 202 -7.96 20.89 5.29
CA TRP D 202 -8.52 21.26 6.57
C TRP D 202 -8.77 20.03 7.43
N LEU D 203 -9.32 18.98 6.84
CA LEU D 203 -9.66 17.80 7.62
C LEU D 203 -8.43 17.11 8.17
N LEU D 204 -7.36 16.99 7.37
CA LEU D 204 -6.11 16.40 7.85
C LEU D 204 -5.51 17.21 8.99
N GLU D 205 -5.54 18.53 8.88
CA GLU D 205 -5.16 19.40 9.99
C GLU D 205 -5.96 19.07 11.25
N MET D 206 -7.30 19.11 11.16
CA MET D 206 -8.14 18.76 12.30
C MET D 206 -7.85 17.37 12.80
N ALA D 207 -7.66 16.40 11.90
CA ALA D 207 -7.41 15.04 12.36
C ALA D 207 -6.04 14.91 13.05
N ALA D 208 -5.07 15.73 12.66
CA ALA D 208 -3.76 15.67 13.31
C ALA D 208 -3.85 16.09 14.77
N VAL D 209 -4.72 17.07 15.06
CA VAL D 209 -4.93 17.50 16.43
C VAL D 209 -5.55 16.38 17.24
N GLU D 210 -6.55 15.70 16.67
CA GLU D 210 -7.12 14.56 17.37
C GLU D 210 -6.07 13.49 17.65
N ALA D 211 -5.30 13.10 16.62
CA ALA D 211 -4.37 11.99 16.78
C ALA D 211 -3.32 12.27 17.86
N ARG D 212 -2.79 13.49 17.90
CA ARG D 212 -1.80 13.82 18.92
C ARG D 212 -2.46 14.04 20.27
N GLY D 213 -3.75 14.40 20.29
CA GLY D 213 -4.46 14.54 21.55
C GLY D 213 -4.55 13.25 22.33
N ARG D 214 -4.71 12.12 21.61
CA ARG D 214 -4.80 10.82 22.26
C ARG D 214 -3.52 10.45 22.99
N LEU D 215 -2.36 10.69 22.36
CA LEU D 215 -1.08 10.40 23.00
C LEU D 215 -0.89 11.25 24.25
N GLU D 216 -1.34 12.50 24.19
CA GLU D 216 -1.20 13.48 25.28
C GLU D 216 -2.24 13.24 26.37
#